data_1QWJ
#
_entry.id   1QWJ
#
_cell.length_a   74.048
_cell.length_b   79.941
_cell.length_c   170.251
_cell.angle_alpha   90.00
_cell.angle_beta   90.00
_cell.angle_gamma   90.00
#
_symmetry.space_group_name_H-M   'P 21 21 21'
#
loop_
_entity.id
_entity.type
_entity.pdbx_description
1 polymer 'cytidine monophospho-N-acetylneuraminic acid synthetase'
2 non-polymer "CYTIDINE-5'-MONOPHOSPHATE-5-N-ACETYLNEURAMINIC ACID"
3 water water
#
_entity_poly.entity_id   1
_entity_poly.type   'polypeptide(L)'
_entity_poly.pdbx_seq_one_letter_code
;PPHLAALVLARGGSKGIPLKNIKRLAGVPLIGWVLRAALDAGVFQSVWVSTDHDEIENVAKQFGAQVHRRSSETSKDSST
SLDAIVEFLNYHNEVDIVGNIQATSPCLHPTDLQKVAEMIREEGYDSVFSVVRRHQFRWSEIQKGVREVTEPLNLNPAKR
PRRQDWDGELYENGSFYFAKRHLIEMGYLQGGKMAYYEMRAEHSVDIDVDIDWPIAEQRVLRFGYFGKE
;
_entity_poly.pdbx_strand_id   A,B,C,D
#
loop_
_chem_comp.id
_chem_comp.type
_chem_comp.name
_chem_comp.formula
NCC non-polymer 'CYTIDINE-5'-MONOPHOSPHATE-5-N-ACETYLNEURAMINIC ACID' 'C20 H31 N4 O16 P'
#
# COMPACT_ATOMS: atom_id res chain seq x y z
N PRO A 1 -3.36 -18.79 -42.81
CA PRO A 1 -3.72 -19.02 -41.39
C PRO A 1 -5.03 -18.32 -41.05
N PRO A 2 -5.80 -18.89 -40.09
CA PRO A 2 -7.07 -18.28 -39.69
C PRO A 2 -6.81 -16.98 -38.91
N HIS A 3 -7.57 -15.93 -39.23
CA HIS A 3 -7.41 -14.63 -38.57
C HIS A 3 -7.87 -14.59 -37.12
N LEU A 4 -6.89 -14.48 -36.22
CA LEU A 4 -7.13 -14.45 -34.76
C LEU A 4 -7.12 -13.01 -34.22
N ALA A 5 -8.28 -12.42 -33.98
CA ALA A 5 -8.30 -11.04 -33.46
C ALA A 5 -8.57 -10.95 -31.96
N ALA A 6 -7.84 -10.08 -31.28
CA ALA A 6 -8.04 -9.85 -29.87
C ALA A 6 -9.12 -8.81 -29.84
N LEU A 7 -10.06 -8.94 -28.90
CA LEU A 7 -11.15 -7.99 -28.81
C LEU A 7 -11.40 -7.66 -27.36
N VAL A 8 -11.24 -6.38 -27.03
CA VAL A 8 -11.46 -5.93 -25.68
C VAL A 8 -12.62 -4.95 -25.75
N LEU A 9 -13.76 -5.35 -25.19
CA LEU A 9 -14.94 -4.52 -25.15
C LEU A 9 -14.79 -3.53 -23.98
N ALA A 10 -14.76 -2.24 -24.27
CA ALA A 10 -14.61 -1.25 -23.22
C ALA A 10 -15.56 -0.06 -23.43
N ARG A 11 -16.76 -0.15 -22.85
CA ARG A 11 -17.73 0.92 -22.96
C ARG A 11 -17.52 1.98 -21.89
N GLY A 12 -18.00 3.19 -22.14
CA GLY A 12 -17.85 4.27 -21.17
C GLY A 12 -18.63 4.01 -19.89
N GLY A 13 -19.86 3.53 -20.04
CA GLY A 13 -20.68 3.22 -18.89
C GLY A 13 -20.15 2.03 -18.13
N SER A 14 -19.93 2.22 -16.85
CA SER A 14 -19.49 1.15 -15.98
C SER A 14 -20.52 1.29 -14.88
N LYS A 15 -21.26 0.23 -14.61
CA LYS A 15 -22.31 0.25 -13.58
C LYS A 15 -21.79 0.94 -12.30
N GLY A 16 -21.96 2.25 -12.24
CA GLY A 16 -21.46 3.02 -11.12
C GLY A 16 -20.67 4.20 -11.63
N ILE A 17 -19.41 4.30 -11.24
CA ILE A 17 -18.53 5.38 -11.69
C ILE A 17 -18.00 5.06 -13.10
N PRO A 18 -18.48 5.77 -14.12
CA PRO A 18 -18.09 5.59 -15.53
C PRO A 18 -16.60 5.73 -15.84
N LEU A 19 -16.21 5.20 -16.99
CA LEU A 19 -14.83 5.20 -17.49
C LEU A 19 -13.88 4.35 -16.66
N LYS A 20 -14.44 3.41 -15.91
CA LYS A 20 -13.66 2.51 -15.06
C LYS A 20 -12.67 1.71 -15.94
N ASN A 21 -12.94 1.61 -17.23
CA ASN A 21 -12.08 0.87 -18.16
C ASN A 21 -10.85 1.66 -18.57
N ILE A 22 -10.86 2.94 -18.22
CA ILE A 22 -9.80 3.86 -18.58
C ILE A 22 -9.23 4.50 -17.30
N LYS A 23 -9.79 4.11 -16.15
CA LYS A 23 -9.31 4.60 -14.86
C LYS A 23 -7.91 3.98 -14.58
N ARG A 24 -6.96 4.82 -14.19
CA ARG A 24 -5.61 4.33 -13.92
C ARG A 24 -5.51 3.31 -12.80
N LEU A 25 -4.86 2.18 -13.11
CA LEU A 25 -4.66 1.11 -12.15
C LEU A 25 -3.14 0.91 -12.12
N ALA A 26 -2.55 1.23 -10.98
CA ALA A 26 -1.11 1.11 -10.81
C ALA A 26 -0.40 1.99 -11.83
N GLY A 27 -0.99 3.14 -12.11
CA GLY A 27 -0.39 4.10 -13.04
C GLY A 27 -0.71 3.97 -14.52
N VAL A 28 -1.46 2.93 -14.88
CA VAL A 28 -1.82 2.73 -16.28
C VAL A 28 -3.31 2.47 -16.38
N PRO A 29 -3.98 3.12 -17.35
CA PRO A 29 -5.43 2.96 -17.56
C PRO A 29 -5.72 1.49 -17.73
N LEU A 30 -6.74 1.00 -17.04
CA LEU A 30 -7.11 -0.41 -17.05
C LEU A 30 -6.91 -1.23 -18.34
N ILE A 31 -7.57 -0.86 -19.43
CA ILE A 31 -7.42 -1.61 -20.68
C ILE A 31 -5.98 -1.80 -21.12
N GLY A 32 -5.10 -0.90 -20.70
CA GLY A 32 -3.69 -1.04 -21.05
C GLY A 32 -3.07 -2.36 -20.61
N TRP A 33 -3.41 -2.83 -19.42
CA TRP A 33 -2.86 -4.08 -18.95
C TRP A 33 -3.12 -5.22 -19.92
N VAL A 34 -4.40 -5.48 -20.17
CA VAL A 34 -4.84 -6.54 -21.06
C VAL A 34 -4.31 -6.33 -22.50
N LEU A 35 -4.33 -5.10 -22.98
CA LEU A 35 -3.84 -4.83 -24.32
C LEU A 35 -2.39 -5.23 -24.46
N ARG A 36 -1.58 -4.84 -23.47
CA ARG A 36 -0.16 -5.16 -23.44
C ARG A 36 0.10 -6.66 -23.52
N ALA A 37 -0.59 -7.44 -22.71
CA ALA A 37 -0.41 -8.88 -22.70
C ALA A 37 -0.77 -9.42 -24.07
N ALA A 38 -1.83 -8.85 -24.66
CA ALA A 38 -2.32 -9.25 -25.96
C ALA A 38 -1.27 -9.06 -27.05
N LEU A 39 -0.79 -7.84 -27.17
CA LEU A 39 0.21 -7.49 -28.17
C LEU A 39 1.49 -8.30 -28.01
N ASP A 40 2.02 -8.34 -26.80
CA ASP A 40 3.24 -9.06 -26.55
C ASP A 40 3.14 -10.55 -26.74
N ALA A 41 1.92 -11.05 -26.90
CA ALA A 41 1.72 -12.50 -27.10
C ALA A 41 2.22 -12.85 -28.48
N GLY A 42 2.07 -11.90 -29.41
CA GLY A 42 2.52 -12.12 -30.78
C GLY A 42 1.78 -13.27 -31.44
N VAL A 43 0.52 -13.44 -31.06
CA VAL A 43 -0.28 -14.53 -31.59
C VAL A 43 -1.55 -14.06 -32.29
N PHE A 44 -1.83 -12.77 -32.24
CA PHE A 44 -3.02 -12.20 -32.86
C PHE A 44 -2.74 -11.49 -34.20
N GLN A 45 -3.60 -11.69 -35.18
CA GLN A 45 -3.43 -11.03 -36.46
C GLN A 45 -3.92 -9.58 -36.32
N SER A 46 -4.56 -9.29 -35.20
CA SER A 46 -5.05 -7.95 -34.89
C SER A 46 -5.52 -7.89 -33.45
N VAL A 47 -5.34 -6.72 -32.83
CA VAL A 47 -5.76 -6.48 -31.46
C VAL A 47 -6.71 -5.31 -31.51
N TRP A 48 -7.98 -5.59 -31.19
CA TRP A 48 -9.00 -4.55 -31.23
C TRP A 48 -9.59 -4.18 -29.87
N VAL A 49 -10.24 -3.02 -29.86
CA VAL A 49 -10.91 -2.50 -28.67
C VAL A 49 -12.23 -1.91 -29.17
N SER A 50 -13.33 -2.45 -28.67
CA SER A 50 -14.63 -1.95 -29.06
C SER A 50 -15.14 -1.01 -27.99
N THR A 51 -15.37 0.24 -28.38
CA THR A 51 -15.85 1.23 -27.44
C THR A 51 -16.83 2.20 -28.09
N ASP A 52 -17.45 3.04 -27.25
CA ASP A 52 -18.41 4.04 -27.70
C ASP A 52 -18.03 5.41 -27.17
N HIS A 53 -16.84 5.51 -26.61
CA HIS A 53 -16.37 6.76 -26.02
C HIS A 53 -15.05 7.21 -26.65
N ASP A 54 -14.87 8.53 -26.79
CA ASP A 54 -13.65 9.05 -27.38
C ASP A 54 -12.42 8.78 -26.55
N GLU A 55 -12.47 9.17 -25.28
CA GLU A 55 -11.36 8.97 -24.36
C GLU A 55 -10.76 7.56 -24.34
N ILE A 56 -11.64 6.57 -24.39
CA ILE A 56 -11.24 5.17 -24.39
C ILE A 56 -10.59 4.78 -25.72
N GLU A 57 -11.02 5.45 -26.79
CA GLU A 57 -10.48 5.19 -28.12
C GLU A 57 -9.05 5.69 -28.19
N ASN A 58 -8.79 6.84 -27.56
CA ASN A 58 -7.46 7.41 -27.53
C ASN A 58 -6.50 6.51 -26.79
N VAL A 59 -6.83 6.27 -25.53
CA VAL A 59 -6.01 5.41 -24.70
C VAL A 59 -5.75 4.10 -25.44
N ALA A 60 -6.80 3.56 -26.07
CA ALA A 60 -6.68 2.31 -26.81
C ALA A 60 -5.62 2.45 -27.88
N LYS A 61 -5.64 3.55 -28.61
CA LYS A 61 -4.65 3.77 -29.66
C LYS A 61 -3.23 3.93 -29.10
N GLN A 62 -3.12 4.56 -27.93
CA GLN A 62 -1.82 4.75 -27.31
C GLN A 62 -1.17 3.43 -27.00
N PHE A 63 -1.99 2.42 -26.75
CA PHE A 63 -1.48 1.10 -26.47
C PHE A 63 -1.33 0.28 -27.74
N GLY A 64 -1.47 0.95 -28.87
CA GLY A 64 -1.33 0.29 -30.14
C GLY A 64 -2.39 -0.75 -30.45
N ALA A 65 -3.64 -0.43 -30.13
CA ALA A 65 -4.77 -1.32 -30.38
C ALA A 65 -5.66 -0.65 -31.42
N GLN A 66 -6.21 -1.43 -32.33
CA GLN A 66 -7.09 -0.82 -33.32
C GLN A 66 -8.37 -0.52 -32.56
N VAL A 67 -9.11 0.49 -33.02
CA VAL A 67 -10.35 0.86 -32.35
C VAL A 67 -11.59 0.78 -33.24
N HIS A 68 -12.64 0.18 -32.69
CA HIS A 68 -13.92 0.05 -33.37
C HIS A 68 -14.94 0.84 -32.56
N ARG A 69 -15.58 1.81 -33.19
CA ARG A 69 -16.57 2.61 -32.49
C ARG A 69 -17.90 1.87 -32.51
N ARG A 70 -18.29 1.40 -31.33
CA ARG A 70 -19.51 0.63 -31.13
C ARG A 70 -20.77 1.45 -31.19
N SER A 71 -21.88 0.77 -31.45
CA SER A 71 -23.16 1.46 -31.48
C SER A 71 -23.69 1.52 -30.04
N SER A 72 -24.50 2.54 -29.77
CA SER A 72 -25.07 2.75 -28.45
C SER A 72 -25.90 1.58 -27.91
N GLU A 73 -26.54 0.85 -28.84
CA GLU A 73 -27.39 -0.28 -28.46
C GLU A 73 -26.60 -1.41 -27.83
N THR A 74 -25.33 -1.57 -28.21
CA THR A 74 -24.51 -2.64 -27.64
C THR A 74 -23.62 -2.14 -26.52
N SER A 75 -23.76 -0.87 -26.17
CA SER A 75 -22.95 -0.31 -25.09
C SER A 75 -23.73 -0.14 -23.77
N LYS A 76 -24.97 -0.61 -23.73
CA LYS A 76 -25.81 -0.48 -22.55
C LYS A 76 -25.46 -1.38 -21.37
N ASP A 77 -25.93 -1.00 -20.18
CA ASP A 77 -25.66 -1.79 -18.96
C ASP A 77 -26.24 -3.19 -19.11
N SER A 78 -27.21 -3.31 -20.01
CA SER A 78 -27.88 -4.58 -20.27
C SER A 78 -27.28 -5.30 -21.45
N SER A 79 -26.51 -4.59 -22.27
CA SER A 79 -25.91 -5.18 -23.46
C SER A 79 -24.94 -6.31 -23.15
N THR A 80 -25.28 -7.52 -23.58
CA THR A 80 -24.42 -8.68 -23.35
C THR A 80 -23.18 -8.61 -24.24
N SER A 81 -22.19 -9.40 -23.88
CA SER A 81 -20.95 -9.47 -24.63
C SER A 81 -21.25 -9.97 -26.05
N LEU A 82 -21.99 -11.07 -26.13
CA LEU A 82 -22.34 -11.68 -27.41
C LEU A 82 -22.95 -10.66 -28.37
N ASP A 83 -23.78 -9.76 -27.85
CA ASP A 83 -24.40 -8.73 -28.68
C ASP A 83 -23.31 -7.82 -29.22
N ALA A 84 -22.36 -7.47 -28.36
CA ALA A 84 -21.28 -6.58 -28.74
C ALA A 84 -20.23 -7.24 -29.63
N ILE A 85 -19.86 -8.48 -29.32
CA ILE A 85 -18.88 -9.20 -30.12
C ILE A 85 -19.52 -9.45 -31.50
N VAL A 86 -20.83 -9.69 -31.53
CA VAL A 86 -21.54 -9.91 -32.80
C VAL A 86 -21.71 -8.59 -33.57
N GLU A 87 -21.66 -7.46 -32.88
CA GLU A 87 -21.79 -6.23 -33.62
C GLU A 87 -20.46 -5.85 -34.22
N PHE A 88 -19.38 -6.34 -33.62
CA PHE A 88 -18.02 -6.07 -34.08
C PHE A 88 -17.75 -6.84 -35.38
N LEU A 89 -17.97 -8.16 -35.34
CA LEU A 89 -17.76 -9.03 -36.48
C LEU A 89 -18.50 -8.57 -37.73
N ASN A 90 -19.64 -7.91 -37.52
CA ASN A 90 -20.44 -7.40 -38.61
C ASN A 90 -19.57 -6.52 -39.50
N TYR A 91 -18.52 -5.96 -38.90
CA TYR A 91 -17.60 -5.08 -39.63
C TYR A 91 -16.21 -5.65 -39.91
N HIS A 92 -16.05 -6.94 -39.66
CA HIS A 92 -14.78 -7.61 -39.89
C HIS A 92 -14.99 -9.05 -40.28
N ASN A 93 -15.49 -9.27 -41.49
CA ASN A 93 -15.74 -10.64 -41.97
C ASN A 93 -14.40 -11.31 -42.22
N GLU A 94 -13.35 -10.53 -42.00
CA GLU A 94 -11.97 -10.96 -42.16
C GLU A 94 -11.47 -11.71 -40.95
N VAL A 95 -12.24 -11.62 -39.87
CA VAL A 95 -11.89 -12.29 -38.63
C VAL A 95 -12.51 -13.68 -38.60
N ASP A 96 -11.74 -14.66 -38.19
CA ASP A 96 -12.25 -16.03 -38.13
C ASP A 96 -12.38 -16.45 -36.66
N ILE A 97 -11.48 -15.95 -35.83
CA ILE A 97 -11.47 -16.29 -34.42
C ILE A 97 -11.38 -15.02 -33.57
N VAL A 98 -12.29 -14.89 -32.61
CA VAL A 98 -12.34 -13.73 -31.73
C VAL A 98 -11.80 -14.07 -30.34
N GLY A 99 -10.76 -13.36 -29.94
CA GLY A 99 -10.19 -13.60 -28.63
C GLY A 99 -10.71 -12.51 -27.70
N ASN A 100 -11.85 -12.80 -27.07
CA ASN A 100 -12.50 -11.85 -26.17
C ASN A 100 -11.79 -11.78 -24.82
N ILE A 101 -11.17 -10.64 -24.57
CA ILE A 101 -10.45 -10.44 -23.34
C ILE A 101 -11.05 -9.31 -22.49
N GLN A 102 -11.29 -9.61 -21.21
CA GLN A 102 -11.88 -8.63 -20.29
C GLN A 102 -10.84 -7.79 -19.57
N ALA A 103 -10.99 -6.47 -19.65
CA ALA A 103 -10.05 -5.56 -19.00
C ALA A 103 -10.09 -5.70 -17.49
N THR A 104 -11.20 -6.23 -16.99
CA THR A 104 -11.39 -6.38 -15.56
C THR A 104 -10.57 -7.48 -14.92
N SER A 105 -9.66 -8.06 -15.69
CA SER A 105 -8.72 -9.08 -15.19
C SER A 105 -7.35 -8.68 -15.75
N PRO A 106 -6.76 -7.57 -15.23
CA PRO A 106 -5.48 -7.04 -15.64
C PRO A 106 -4.21 -7.84 -15.35
N CYS A 107 -4.34 -8.96 -14.66
CA CYS A 107 -3.14 -9.76 -14.36
C CYS A 107 -2.89 -10.83 -15.41
N LEU A 108 -3.34 -10.58 -16.63
CA LEU A 108 -3.16 -11.50 -17.74
C LEU A 108 -1.72 -11.46 -18.22
N HIS A 109 -1.21 -12.60 -18.67
CA HIS A 109 0.16 -12.69 -19.18
C HIS A 109 0.10 -13.28 -20.60
N PRO A 110 0.98 -12.81 -21.49
CA PRO A 110 0.95 -13.34 -22.85
C PRO A 110 1.15 -14.86 -22.99
N THR A 111 1.83 -15.47 -22.02
CA THR A 111 2.09 -16.92 -22.02
C THR A 111 0.80 -17.73 -22.12
N ASP A 112 -0.20 -17.31 -21.36
CA ASP A 112 -1.51 -17.98 -21.33
C ASP A 112 -2.25 -17.82 -22.65
N LEU A 113 -2.12 -16.64 -23.25
CA LEU A 113 -2.77 -16.35 -24.52
C LEU A 113 -2.14 -17.17 -25.66
N GLN A 114 -0.84 -17.37 -25.58
CA GLN A 114 -0.10 -18.14 -26.59
C GLN A 114 -0.44 -19.63 -26.52
N LYS A 115 -0.68 -20.13 -25.32
CA LYS A 115 -1.00 -21.54 -25.13
C LYS A 115 -2.42 -21.85 -25.56
N VAL A 116 -3.30 -20.88 -25.38
CA VAL A 116 -4.69 -21.08 -25.79
C VAL A 116 -4.73 -21.05 -27.31
N ALA A 117 -3.97 -20.13 -27.88
CA ALA A 117 -3.90 -19.99 -29.33
C ALA A 117 -3.46 -21.32 -29.93
N GLU A 118 -2.49 -21.95 -29.27
CA GLU A 118 -1.97 -23.22 -29.74
C GLU A 118 -2.99 -24.34 -29.52
N MET A 119 -3.79 -24.24 -28.47
CA MET A 119 -4.80 -25.28 -28.24
C MET A 119 -5.73 -25.33 -29.44
N ILE A 120 -6.03 -24.15 -30.00
CA ILE A 120 -6.93 -24.02 -31.13
C ILE A 120 -6.29 -24.58 -32.41
N ARG A 121 -4.98 -24.69 -32.40
CA ARG A 121 -4.26 -25.23 -33.55
C ARG A 121 -4.25 -26.77 -33.51
N GLU A 122 -3.47 -27.35 -32.59
CA GLU A 122 -3.39 -28.79 -32.47
C GLU A 122 -4.75 -29.43 -32.21
N GLU A 123 -5.27 -29.25 -31.00
CA GLU A 123 -6.55 -29.84 -30.61
C GLU A 123 -7.71 -29.32 -31.45
N GLY A 124 -7.45 -28.28 -32.22
CA GLY A 124 -8.50 -27.71 -33.06
C GLY A 124 -9.80 -27.52 -32.31
N TYR A 125 -9.85 -26.51 -31.45
CA TYR A 125 -11.07 -26.24 -30.69
C TYR A 125 -11.86 -25.13 -31.34
N ASP A 126 -13.16 -25.14 -31.10
CA ASP A 126 -14.04 -24.11 -31.62
C ASP A 126 -14.14 -22.99 -30.58
N SER A 127 -14.01 -23.36 -29.30
CA SER A 127 -14.10 -22.38 -28.21
C SER A 127 -13.26 -22.74 -26.98
N VAL A 128 -12.51 -21.76 -26.48
CA VAL A 128 -11.70 -21.98 -25.29
C VAL A 128 -11.76 -20.73 -24.40
N PHE A 129 -12.13 -20.91 -23.13
CA PHE A 129 -12.23 -19.81 -22.18
C PHE A 129 -11.39 -20.10 -20.94
N SER A 130 -11.04 -19.05 -20.20
CA SER A 130 -10.22 -19.19 -18.99
C SER A 130 -11.02 -19.57 -17.75
N VAL A 131 -10.43 -20.46 -16.96
CA VAL A 131 -11.08 -20.96 -15.76
C VAL A 131 -10.12 -21.01 -14.57
N VAL A 132 -10.68 -21.08 -13.36
CA VAL A 132 -9.88 -21.14 -12.13
C VAL A 132 -10.40 -22.18 -11.15
N ARG A 133 -9.48 -22.83 -10.45
CA ARG A 133 -9.82 -23.85 -9.48
C ARG A 133 -10.03 -23.27 -8.09
N ARG A 134 -11.13 -23.66 -7.45
CA ARG A 134 -11.45 -23.19 -6.10
C ARG A 134 -11.93 -24.35 -5.25
N HIS A 135 -11.62 -24.32 -3.96
CA HIS A 135 -12.03 -25.37 -3.03
C HIS A 135 -12.95 -24.79 -1.97
N GLN A 136 -14.20 -24.57 -2.35
CA GLN A 136 -15.18 -23.99 -1.43
C GLN A 136 -16.47 -24.78 -1.37
N PHE A 137 -16.93 -25.06 -0.17
CA PHE A 137 -18.13 -25.84 -0.01
C PHE A 137 -19.36 -25.00 -0.28
N ARG A 138 -20.28 -25.56 -1.05
CA ARG A 138 -21.50 -24.87 -1.44
C ARG A 138 -22.68 -25.30 -0.59
N TRP A 139 -23.59 -24.36 -0.33
CA TRP A 139 -24.78 -24.64 0.46
C TRP A 139 -26.04 -24.05 -0.14
N SER A 140 -27.14 -24.80 -0.03
CA SER A 140 -28.43 -24.37 -0.55
C SER A 140 -28.92 -23.13 0.19
N GLU A 141 -29.52 -22.20 -0.54
CA GLU A 141 -30.05 -20.97 0.03
C GLU A 141 -31.50 -21.20 0.48
N ILE A 142 -31.94 -20.48 1.51
CA ILE A 142 -33.30 -20.66 2.02
C ILE A 142 -34.31 -19.83 1.22
N GLN A 143 -35.48 -20.41 0.96
CA GLN A 143 -36.55 -19.75 0.20
C GLN A 143 -37.90 -20.36 0.58
N LYS A 144 -38.96 -19.96 -0.12
CA LYS A 144 -40.31 -20.46 0.13
C LYS A 144 -40.67 -20.37 1.61
N GLY A 145 -40.32 -19.24 2.24
CA GLY A 145 -40.61 -19.03 3.65
C GLY A 145 -40.53 -20.25 4.55
N VAL A 146 -41.39 -20.26 5.55
CA VAL A 146 -41.46 -21.33 6.54
C VAL A 146 -40.09 -21.50 7.19
N ARG A 147 -39.96 -22.50 8.04
CA ARG A 147 -38.70 -22.77 8.72
C ARG A 147 -37.82 -23.55 7.74
N GLU A 148 -37.53 -22.93 6.60
CA GLU A 148 -36.73 -23.56 5.55
C GLU A 148 -35.31 -23.82 6.01
N VAL A 149 -34.72 -24.92 5.51
CA VAL A 149 -33.37 -25.30 5.90
C VAL A 149 -32.37 -25.30 4.74
N THR A 150 -31.12 -25.00 5.06
CA THR A 150 -30.05 -25.00 4.07
C THR A 150 -29.51 -26.43 3.96
N GLU A 151 -29.17 -26.84 2.74
CA GLU A 151 -28.66 -28.18 2.51
C GLU A 151 -27.32 -28.14 1.77
N PRO A 152 -26.47 -29.14 2.02
CA PRO A 152 -25.16 -29.23 1.37
C PRO A 152 -25.34 -29.74 -0.05
N LEU A 153 -24.71 -29.07 -1.00
CA LEU A 153 -24.81 -29.44 -2.42
C LEU A 153 -23.46 -29.91 -2.93
N ASN A 154 -22.46 -29.72 -2.09
CA ASN A 154 -21.08 -29.98 -2.44
C ASN A 154 -20.44 -31.16 -1.70
N LEU A 155 -20.67 -31.19 -0.40
CA LEU A 155 -20.10 -32.17 0.50
C LEU A 155 -21.09 -32.91 1.40
N ASN A 156 -20.52 -33.70 2.31
CA ASN A 156 -21.29 -34.42 3.32
C ASN A 156 -20.86 -33.86 4.67
N PRO A 157 -21.74 -33.11 5.34
CA PRO A 157 -21.42 -32.53 6.65
C PRO A 157 -20.90 -33.54 7.67
N ALA A 158 -21.36 -34.78 7.56
CA ALA A 158 -20.93 -35.84 8.47
C ALA A 158 -19.45 -36.11 8.24
N LYS A 159 -19.04 -36.04 6.98
CA LYS A 159 -17.64 -36.25 6.62
C LYS A 159 -17.24 -35.13 5.67
N ARG A 160 -16.52 -34.14 6.19
CA ARG A 160 -16.06 -32.99 5.40
C ARG A 160 -14.64 -33.30 4.87
N PRO A 161 -14.43 -33.18 3.55
CA PRO A 161 -13.11 -33.48 3.03
C PRO A 161 -12.09 -32.44 3.41
N ARG A 162 -10.82 -32.78 3.17
CA ARG A 162 -9.70 -31.89 3.41
C ARG A 162 -9.24 -31.47 2.04
N ARG A 163 -8.44 -30.41 1.97
CA ARG A 163 -7.94 -29.96 0.67
C ARG A 163 -7.47 -31.15 -0.16
N GLN A 164 -6.66 -32.01 0.44
CA GLN A 164 -6.13 -33.18 -0.24
C GLN A 164 -7.20 -34.22 -0.53
N ASP A 165 -8.13 -34.38 0.41
CA ASP A 165 -9.18 -35.36 0.26
C ASP A 165 -9.97 -35.25 -1.04
N TRP A 166 -9.84 -34.13 -1.75
CA TRP A 166 -10.57 -33.94 -3.00
C TRP A 166 -10.01 -32.82 -3.88
N ASP A 167 -10.52 -32.73 -5.10
CA ASP A 167 -10.10 -31.69 -6.04
C ASP A 167 -11.24 -30.68 -6.06
N GLY A 168 -10.90 -29.40 -5.98
CA GLY A 168 -11.93 -28.37 -5.98
C GLY A 168 -12.89 -28.40 -7.15
N GLU A 169 -13.27 -27.22 -7.62
CA GLU A 169 -14.18 -27.11 -8.73
C GLU A 169 -13.63 -26.01 -9.64
N LEU A 170 -14.08 -25.97 -10.89
CA LEU A 170 -13.62 -24.98 -11.86
C LEU A 170 -14.65 -23.92 -12.10
N TYR A 171 -14.25 -22.66 -11.92
CA TYR A 171 -15.15 -21.54 -12.17
C TYR A 171 -14.53 -20.68 -13.23
N GLU A 172 -15.36 -20.01 -14.03
CA GLU A 172 -14.81 -19.12 -15.05
C GLU A 172 -14.21 -17.99 -14.24
N ASN A 173 -13.21 -17.31 -14.76
CA ASN A 173 -12.62 -16.19 -14.02
C ASN A 173 -12.84 -14.86 -14.72
N GLY A 174 -13.46 -14.89 -15.90
CA GLY A 174 -13.73 -13.68 -16.64
C GLY A 174 -12.59 -13.22 -17.51
N SER A 175 -11.43 -13.83 -17.33
CA SER A 175 -10.23 -13.45 -18.09
C SER A 175 -10.42 -13.34 -19.59
N PHE A 176 -10.68 -14.47 -20.25
CA PHE A 176 -10.85 -14.45 -21.69
C PHE A 176 -11.76 -15.55 -22.26
N TYR A 177 -12.35 -15.25 -23.43
CA TYR A 177 -13.24 -16.18 -24.15
C TYR A 177 -12.87 -16.20 -25.64
N PHE A 178 -12.28 -17.31 -26.09
CA PHE A 178 -11.91 -17.46 -27.48
C PHE A 178 -13.02 -18.26 -28.14
N ALA A 179 -13.48 -17.80 -29.30
CA ALA A 179 -14.53 -18.50 -30.02
C ALA A 179 -14.42 -18.25 -31.51
N LYS A 180 -14.78 -19.27 -32.30
CA LYS A 180 -14.72 -19.16 -33.74
C LYS A 180 -15.95 -18.43 -34.23
N ARG A 181 -15.80 -17.75 -35.38
CA ARG A 181 -16.89 -16.98 -35.98
C ARG A 181 -18.22 -17.72 -36.08
N HIS A 182 -18.18 -18.96 -36.56
CA HIS A 182 -19.41 -19.74 -36.72
C HIS A 182 -20.15 -19.98 -35.40
N LEU A 183 -19.42 -20.02 -34.30
CA LEU A 183 -20.03 -20.23 -32.99
C LEU A 183 -20.71 -18.94 -32.61
N ILE A 184 -19.93 -17.85 -32.61
CA ILE A 184 -20.43 -16.52 -32.28
C ILE A 184 -21.69 -16.22 -33.10
N GLU A 185 -21.58 -16.37 -34.41
CA GLU A 185 -22.69 -16.10 -35.30
C GLU A 185 -23.96 -16.81 -34.84
N MET A 186 -23.84 -18.05 -34.38
CA MET A 186 -25.02 -18.77 -33.91
C MET A 186 -25.34 -18.49 -32.43
N GLY A 187 -24.80 -17.39 -31.92
CA GLY A 187 -25.06 -16.97 -30.55
C GLY A 187 -24.45 -17.73 -29.38
N TYR A 188 -23.25 -18.28 -29.57
CA TYR A 188 -22.57 -19.01 -28.48
C TYR A 188 -21.12 -18.58 -28.30
N LEU A 189 -20.74 -18.21 -27.09
CA LEU A 189 -19.35 -17.83 -26.83
C LEU A 189 -18.61 -19.13 -26.54
N GLN A 190 -19.35 -20.12 -26.04
CA GLN A 190 -18.80 -21.44 -25.69
C GLN A 190 -19.65 -22.54 -26.30
N GLY A 191 -19.06 -23.29 -27.23
CA GLY A 191 -19.80 -24.36 -27.88
C GLY A 191 -18.87 -25.15 -28.78
N GLY A 192 -19.43 -26.06 -29.58
CA GLY A 192 -18.60 -26.88 -30.47
C GLY A 192 -17.58 -27.61 -29.65
N LYS A 193 -16.39 -27.84 -30.21
CA LYS A 193 -15.34 -28.53 -29.47
C LYS A 193 -14.87 -27.56 -28.38
N MET A 194 -15.53 -27.63 -27.23
CA MET A 194 -15.24 -26.77 -26.09
C MET A 194 -14.11 -27.21 -25.17
N ALA A 195 -13.36 -26.22 -24.67
CA ALA A 195 -12.26 -26.47 -23.75
C ALA A 195 -12.09 -25.26 -22.82
N TYR A 196 -11.63 -25.52 -21.62
CA TYR A 196 -11.37 -24.46 -20.64
C TYR A 196 -9.86 -24.36 -20.51
N TYR A 197 -9.39 -23.27 -19.93
CA TYR A 197 -7.96 -23.09 -19.70
C TYR A 197 -7.78 -22.65 -18.25
N GLU A 198 -7.22 -23.54 -17.43
CA GLU A 198 -7.00 -23.25 -16.03
C GLU A 198 -5.85 -22.29 -15.81
N MET A 199 -6.16 -21.13 -15.24
CA MET A 199 -5.15 -20.11 -14.96
C MET A 199 -4.77 -20.10 -13.49
N ARG A 200 -3.62 -19.53 -13.19
CA ARG A 200 -3.14 -19.44 -11.83
C ARG A 200 -4.07 -18.52 -11.05
N ALA A 201 -4.25 -18.85 -9.78
CA ALA A 201 -5.11 -18.08 -8.89
C ALA A 201 -4.67 -16.61 -8.84
N GLU A 202 -3.36 -16.36 -8.74
CA GLU A 202 -2.87 -14.99 -8.68
C GLU A 202 -3.27 -14.13 -9.87
N HIS A 203 -3.66 -14.76 -10.97
CA HIS A 203 -4.03 -14.00 -12.16
C HIS A 203 -5.53 -14.00 -12.41
N SER A 204 -6.28 -14.57 -11.48
CA SER A 204 -7.73 -14.69 -11.64
C SER A 204 -8.59 -13.81 -10.75
N VAL A 205 -8.04 -12.75 -10.17
CA VAL A 205 -8.88 -11.92 -9.33
C VAL A 205 -9.44 -10.74 -10.10
N ASP A 206 -10.75 -10.81 -10.34
CA ASP A 206 -11.50 -9.79 -11.06
C ASP A 206 -11.44 -8.46 -10.30
N ILE A 207 -11.71 -7.35 -10.99
CA ILE A 207 -11.70 -6.04 -10.38
C ILE A 207 -12.86 -5.92 -9.38
N ASP A 208 -14.05 -6.28 -9.85
CA ASP A 208 -15.27 -6.24 -9.03
C ASP A 208 -15.13 -7.11 -7.78
N VAL A 209 -14.29 -8.13 -7.83
CA VAL A 209 -14.12 -9.02 -6.69
C VAL A 209 -13.38 -8.39 -5.50
N ASP A 210 -12.18 -7.83 -5.73
CA ASP A 210 -11.42 -7.20 -4.66
C ASP A 210 -12.20 -6.03 -4.04
N ILE A 211 -13.10 -5.44 -4.82
CA ILE A 211 -13.91 -4.31 -4.37
C ILE A 211 -13.09 -3.01 -4.29
N ASP A 212 -12.20 -2.95 -3.31
CA ASP A 212 -11.33 -1.81 -3.08
C ASP A 212 -10.35 -1.66 -4.25
N TRP A 213 -10.61 -0.67 -5.09
CA TRP A 213 -9.77 -0.46 -6.25
C TRP A 213 -8.28 -0.45 -5.89
N PRO A 214 -7.87 0.31 -4.87
CA PRO A 214 -6.45 0.29 -4.53
C PRO A 214 -5.90 -1.10 -4.28
N ILE A 215 -6.74 -1.98 -3.74
CA ILE A 215 -6.29 -3.35 -3.49
C ILE A 215 -5.88 -4.03 -4.79
N ALA A 216 -6.61 -3.74 -5.86
CA ALA A 216 -6.32 -4.30 -7.16
C ALA A 216 -5.00 -3.73 -7.67
N GLU A 217 -4.70 -2.49 -7.26
CA GLU A 217 -3.47 -1.82 -7.66
C GLU A 217 -2.29 -2.61 -7.14
N GLN A 218 -2.30 -2.90 -5.85
CA GLN A 218 -1.22 -3.68 -5.29
C GLN A 218 -1.19 -5.06 -5.93
N ARG A 219 -2.35 -5.58 -6.35
CA ARG A 219 -2.35 -6.90 -6.96
C ARG A 219 -1.68 -6.88 -8.34
N VAL A 220 -2.03 -5.93 -9.21
CA VAL A 220 -1.38 -5.90 -10.54
C VAL A 220 0.13 -5.71 -10.41
N LEU A 221 0.55 -4.88 -9.45
CA LEU A 221 1.97 -4.63 -9.24
C LEU A 221 2.72 -5.89 -8.86
N ARG A 222 2.12 -6.70 -8.01
CA ARG A 222 2.73 -7.94 -7.57
C ARG A 222 2.49 -9.13 -8.51
N PHE A 223 1.41 -9.08 -9.31
CA PHE A 223 1.12 -10.21 -10.19
C PHE A 223 0.80 -9.92 -11.66
N GLY A 224 0.92 -8.67 -12.07
CA GLY A 224 0.61 -8.34 -13.45
C GLY A 224 1.78 -8.47 -14.41
N TYR A 225 1.52 -8.20 -15.67
CA TYR A 225 2.54 -8.26 -16.73
C TYR A 225 2.91 -6.81 -17.07
N PHE A 226 4.17 -6.44 -16.81
CA PHE A 226 4.60 -5.07 -17.09
C PHE A 226 5.24 -4.83 -18.44
N GLY A 227 4.84 -5.59 -19.43
CA GLY A 227 5.41 -5.41 -20.76
C GLY A 227 6.85 -5.85 -20.88
N LYS A 228 7.58 -5.15 -21.75
CA LYS A 228 8.99 -5.43 -22.02
C LYS A 228 9.07 -6.72 -22.83
N PRO B 1 -28.16 -20.41 31.43
CA PRO B 1 -28.19 -20.69 29.98
C PRO B 1 -26.93 -21.43 29.52
N PRO B 2 -26.89 -21.86 28.25
CA PRO B 2 -25.70 -22.56 27.79
C PRO B 2 -24.43 -21.71 27.88
N HIS B 3 -23.28 -22.38 27.72
CA HIS B 3 -21.97 -21.73 27.77
C HIS B 3 -21.40 -21.64 26.36
N LEU B 4 -21.39 -20.44 25.79
CA LEU B 4 -20.87 -20.23 24.43
C LEU B 4 -19.38 -19.90 24.52
N ALA B 5 -18.54 -20.84 24.12
CA ALA B 5 -17.11 -20.59 24.15
C ALA B 5 -16.56 -20.34 22.76
N ALA B 6 -15.88 -19.20 22.62
CA ALA B 6 -15.25 -18.86 21.36
C ALA B 6 -13.98 -19.70 21.41
N LEU B 7 -13.65 -20.36 20.31
CA LEU B 7 -12.48 -21.20 20.25
C LEU B 7 -11.69 -20.87 18.96
N VAL B 8 -10.42 -20.49 19.10
CA VAL B 8 -9.61 -20.23 17.92
C VAL B 8 -8.42 -21.17 17.95
N LEU B 9 -8.42 -22.12 17.02
CA LEU B 9 -7.36 -23.11 16.88
C LEU B 9 -6.15 -22.40 16.24
N ALA B 10 -5.02 -22.41 16.93
CA ALA B 10 -3.81 -21.76 16.40
C ALA B 10 -2.56 -22.62 16.64
N ARG B 11 -2.19 -23.43 15.65
CA ARG B 11 -1.01 -24.29 15.78
C ARG B 11 0.25 -23.49 15.50
N GLY B 12 1.41 -24.10 15.78
CA GLY B 12 2.67 -23.43 15.55
C GLY B 12 3.26 -23.66 14.16
N GLY B 13 3.11 -24.87 13.64
CA GLY B 13 3.67 -25.17 12.33
C GLY B 13 2.73 -24.90 11.18
N SER B 14 2.59 -23.64 10.78
CA SER B 14 1.70 -23.29 9.66
C SER B 14 2.33 -23.60 8.29
N LYS B 15 1.60 -23.27 7.23
CA LYS B 15 2.09 -23.52 5.88
C LYS B 15 3.03 -22.39 5.45
N GLY B 16 4.01 -22.72 4.61
CA GLY B 16 4.95 -21.73 4.14
C GLY B 16 5.65 -20.99 5.27
N ILE B 17 5.14 -19.80 5.59
CA ILE B 17 5.70 -18.99 6.66
C ILE B 17 5.28 -19.58 8.01
N PRO B 18 6.24 -20.18 8.76
CA PRO B 18 6.00 -20.80 10.08
C PRO B 18 5.64 -19.79 11.17
N LEU B 19 4.83 -20.23 12.13
CA LEU B 19 4.39 -19.36 13.21
C LEU B 19 3.63 -18.21 12.55
N LYS B 20 2.81 -18.59 11.56
CA LYS B 20 2.00 -17.64 10.80
C LYS B 20 0.88 -17.05 11.64
N ASN B 21 0.36 -17.84 12.58
CA ASN B 21 -0.74 -17.36 13.41
C ASN B 21 -0.44 -16.14 14.29
N ILE B 22 0.82 -15.86 14.60
CA ILE B 22 1.12 -14.66 15.35
C ILE B 22 1.99 -13.72 14.53
N LYS B 23 1.97 -13.90 13.21
CA LYS B 23 2.72 -13.02 12.33
C LYS B 23 1.97 -11.67 12.37
N ARG B 24 2.68 -10.54 12.32
CA ARG B 24 1.96 -9.27 12.36
C ARG B 24 1.30 -8.90 11.05
N LEU B 25 -0.01 -8.74 11.11
CA LEU B 25 -0.78 -8.33 9.93
C LEU B 25 -1.34 -6.97 10.29
N ALA B 26 -0.81 -5.95 9.63
CA ALA B 26 -1.20 -4.57 9.87
C ALA B 26 -0.75 -4.19 11.29
N GLY B 27 0.40 -4.74 11.70
CA GLY B 27 0.93 -4.42 13.01
C GLY B 27 0.39 -5.21 14.20
N VAL B 28 -0.55 -6.11 13.93
CA VAL B 28 -1.17 -6.91 14.96
C VAL B 28 -0.99 -8.38 14.58
N PRO B 29 -0.49 -9.22 15.51
CA PRO B 29 -0.31 -10.63 15.16
C PRO B 29 -1.69 -11.25 14.86
N LEU B 30 -1.74 -12.02 13.78
CA LEU B 30 -2.98 -12.61 13.29
C LEU B 30 -4.11 -12.91 14.28
N ILE B 31 -3.94 -13.90 15.16
CA ILE B 31 -5.00 -14.22 16.13
C ILE B 31 -5.62 -13.01 16.83
N GLY B 32 -4.87 -11.92 16.93
CA GLY B 32 -5.38 -10.74 17.59
C GLY B 32 -6.62 -10.14 16.94
N TRP B 33 -6.68 -10.17 15.61
CA TRP B 33 -7.84 -9.60 14.92
C TRP B 33 -9.13 -10.30 15.36
N VAL B 34 -9.17 -11.61 15.14
CA VAL B 34 -10.32 -12.45 15.49
C VAL B 34 -10.63 -12.47 16.98
N LEU B 35 -9.60 -12.52 17.82
CA LEU B 35 -9.82 -12.54 19.28
C LEU B 35 -10.50 -11.24 19.71
N ARG B 36 -10.06 -10.12 19.15
CA ARG B 36 -10.61 -8.84 19.51
C ARG B 36 -12.10 -8.74 19.20
N ALA B 37 -12.49 -9.13 17.99
CA ALA B 37 -13.91 -9.05 17.63
C ALA B 37 -14.67 -9.98 18.54
N ALA B 38 -14.05 -11.11 18.88
CA ALA B 38 -14.65 -12.10 19.77
C ALA B 38 -15.05 -11.47 21.11
N LEU B 39 -14.06 -10.96 21.83
CA LEU B 39 -14.28 -10.34 23.12
C LEU B 39 -15.20 -9.13 23.07
N ASP B 40 -15.03 -8.28 22.05
CA ASP B 40 -15.86 -7.07 21.94
C ASP B 40 -17.31 -7.38 21.61
N ALA B 41 -17.58 -8.63 21.23
CA ALA B 41 -18.93 -9.05 20.91
C ALA B 41 -19.72 -9.11 22.24
N GLY B 42 -19.00 -9.43 23.31
CA GLY B 42 -19.63 -9.52 24.61
C GLY B 42 -20.75 -10.52 24.61
N VAL B 43 -20.55 -11.59 23.86
CA VAL B 43 -21.58 -12.61 23.73
C VAL B 43 -21.10 -13.98 24.19
N PHE B 44 -19.79 -14.12 24.37
CA PHE B 44 -19.22 -15.41 24.77
C PHE B 44 -19.02 -15.51 26.28
N GLN B 45 -19.13 -16.71 26.84
CA GLN B 45 -18.90 -16.90 28.28
C GLN B 45 -17.41 -17.12 28.51
N SER B 46 -16.70 -17.31 27.41
CA SER B 46 -15.27 -17.54 27.46
C SER B 46 -14.71 -17.52 26.05
N VAL B 47 -13.54 -16.89 25.90
CA VAL B 47 -12.86 -16.82 24.62
C VAL B 47 -11.58 -17.60 24.76
N TRP B 48 -11.49 -18.71 24.04
CA TRP B 48 -10.34 -19.57 24.10
C TRP B 48 -9.46 -19.60 22.86
N VAL B 49 -8.30 -20.22 23.02
CA VAL B 49 -7.33 -20.36 21.96
C VAL B 49 -6.61 -21.68 22.20
N SER B 50 -6.73 -22.60 21.25
CA SER B 50 -6.07 -23.89 21.37
C SER B 50 -4.77 -23.88 20.60
N THR B 51 -3.65 -23.98 21.29
CA THR B 51 -2.35 -23.96 20.62
C THR B 51 -1.43 -25.02 21.19
N ASP B 52 -0.23 -25.09 20.64
CA ASP B 52 0.78 -26.03 21.07
C ASP B 52 2.14 -25.35 21.19
N HIS B 53 2.13 -24.03 21.01
CA HIS B 53 3.35 -23.23 21.03
C HIS B 53 3.39 -22.14 22.13
N ASP B 54 4.56 -21.99 22.76
CA ASP B 54 4.73 -20.98 23.82
C ASP B 54 4.49 -19.53 23.40
N GLU B 55 4.85 -19.18 22.17
CA GLU B 55 4.68 -17.82 21.69
C GLU B 55 3.24 -17.51 21.36
N ILE B 56 2.50 -18.51 20.87
CA ILE B 56 1.11 -18.31 20.55
C ILE B 56 0.35 -18.13 21.87
N GLU B 57 0.70 -18.94 22.87
CA GLU B 57 0.06 -18.83 24.18
C GLU B 57 0.20 -17.43 24.73
N ASN B 58 1.41 -16.88 24.64
CA ASN B 58 1.68 -15.52 25.14
C ASN B 58 0.81 -14.48 24.44
N VAL B 59 0.90 -14.44 23.10
CA VAL B 59 0.11 -13.51 22.31
C VAL B 59 -1.36 -13.62 22.65
N ALA B 60 -1.86 -14.85 22.68
CA ALA B 60 -3.25 -15.10 23.02
C ALA B 60 -3.58 -14.42 24.34
N LYS B 61 -2.75 -14.66 25.35
CA LYS B 61 -2.99 -14.07 26.65
C LYS B 61 -2.94 -12.54 26.62
N GLN B 62 -2.10 -11.99 25.76
CA GLN B 62 -2.01 -10.54 25.66
C GLN B 62 -3.33 -9.98 25.13
N PHE B 63 -4.04 -10.76 24.33
CA PHE B 63 -5.29 -10.30 23.81
C PHE B 63 -6.46 -10.70 24.67
N GLY B 64 -6.17 -11.06 25.91
CA GLY B 64 -7.20 -11.43 26.85
C GLY B 64 -7.97 -12.70 26.51
N ALA B 65 -7.27 -13.68 25.96
CA ALA B 65 -7.88 -14.95 25.61
C ALA B 65 -7.34 -16.01 26.52
N GLN B 66 -8.18 -16.94 26.93
CA GLN B 66 -7.74 -18.04 27.76
C GLN B 66 -7.03 -18.96 26.80
N VAL B 67 -6.08 -19.74 27.31
CA VAL B 67 -5.36 -20.64 26.43
C VAL B 67 -5.35 -22.07 26.91
N HIS B 68 -5.53 -22.96 25.95
CA HIS B 68 -5.53 -24.40 26.16
C HIS B 68 -4.37 -25.01 25.39
N ARG B 69 -3.47 -25.70 26.09
CA ARG B 69 -2.33 -26.32 25.43
C ARG B 69 -2.60 -27.76 24.99
N ARG B 70 -1.98 -28.13 23.87
CA ARG B 70 -2.12 -29.46 23.31
C ARG B 70 -0.81 -29.84 22.66
N SER B 71 -0.75 -31.10 22.23
CA SER B 71 0.41 -31.63 21.55
C SER B 71 0.23 -31.23 20.10
N SER B 72 1.10 -31.72 19.22
CA SER B 72 1.02 -31.42 17.80
C SER B 72 0.24 -32.47 17.00
N GLU B 73 -0.29 -33.48 17.70
CA GLU B 73 -1.07 -34.55 17.06
C GLU B 73 -2.26 -34.02 16.25
N THR B 74 -2.88 -32.95 16.73
CA THR B 74 -4.02 -32.36 16.06
C THR B 74 -3.59 -31.10 15.31
N SER B 75 -2.26 -30.95 15.21
CA SER B 75 -1.64 -29.81 14.54
C SER B 75 -1.02 -30.21 13.20
N LYS B 76 -1.31 -31.44 12.77
CA LYS B 76 -0.77 -31.96 11.51
C LYS B 76 -1.59 -31.52 10.28
N ASP B 77 -0.94 -31.43 9.13
CA ASP B 77 -1.62 -31.02 7.92
C ASP B 77 -2.66 -32.05 7.50
N SER B 78 -2.69 -33.18 8.21
CA SER B 78 -3.66 -34.23 7.91
C SER B 78 -4.75 -34.24 8.96
N SER B 79 -4.54 -33.45 10.01
CA SER B 79 -5.52 -33.34 11.08
C SER B 79 -6.71 -32.50 10.63
N THR B 80 -7.80 -32.55 11.40
CA THR B 80 -9.00 -31.82 11.05
C THR B 80 -9.43 -30.87 12.15
N SER B 81 -10.28 -29.91 11.80
CA SER B 81 -10.78 -28.96 12.78
C SER B 81 -11.59 -29.63 13.87
N LEU B 82 -12.34 -30.67 13.51
CA LEU B 82 -13.12 -31.38 14.50
C LEU B 82 -12.16 -32.09 15.49
N ASP B 83 -11.06 -32.61 14.96
CA ASP B 83 -10.08 -33.29 15.80
C ASP B 83 -9.67 -32.42 16.99
N ALA B 84 -9.20 -31.21 16.69
CA ALA B 84 -8.74 -30.30 17.73
C ALA B 84 -9.87 -29.71 18.55
N ILE B 85 -11.07 -29.65 17.98
CA ILE B 85 -12.20 -29.09 18.72
C ILE B 85 -12.65 -30.05 19.82
N VAL B 86 -12.65 -31.36 19.53
CA VAL B 86 -13.06 -32.35 20.52
C VAL B 86 -11.99 -32.42 21.60
N GLU B 87 -10.74 -32.35 21.16
CA GLU B 87 -9.55 -32.38 22.03
C GLU B 87 -9.72 -31.36 23.15
N PHE B 88 -10.32 -30.24 22.79
CA PHE B 88 -10.56 -29.15 23.70
C PHE B 88 -11.71 -29.41 24.65
N LEU B 89 -12.88 -29.76 24.09
CA LEU B 89 -14.06 -30.00 24.89
C LEU B 89 -13.82 -31.10 25.89
N ASN B 90 -12.98 -32.05 25.49
CA ASN B 90 -12.67 -33.16 26.35
C ASN B 90 -11.98 -32.69 27.61
N TYR B 91 -11.81 -31.38 27.74
CA TYR B 91 -11.20 -30.82 28.92
C TYR B 91 -12.03 -29.74 29.60
N HIS B 92 -13.09 -29.28 28.94
CA HIS B 92 -13.94 -28.23 29.53
C HIS B 92 -15.41 -28.59 29.37
N ASN B 93 -15.94 -29.23 30.39
CA ASN B 93 -17.33 -29.68 30.42
C ASN B 93 -18.27 -28.50 30.49
N GLU B 94 -17.85 -27.45 31.18
CA GLU B 94 -18.70 -26.28 31.32
C GLU B 94 -19.17 -25.79 29.95
N VAL B 95 -18.36 -26.05 28.93
CA VAL B 95 -18.64 -25.62 27.56
C VAL B 95 -19.80 -26.36 26.90
N ASP B 96 -20.87 -25.62 26.62
CA ASP B 96 -22.08 -26.17 26.02
C ASP B 96 -22.16 -25.93 24.52
N ILE B 97 -21.59 -24.81 24.08
CA ILE B 97 -21.62 -24.46 22.65
C ILE B 97 -20.27 -23.89 22.26
N VAL B 98 -19.73 -24.38 21.14
CA VAL B 98 -18.43 -23.94 20.66
C VAL B 98 -18.50 -23.05 19.43
N GLY B 99 -18.02 -21.82 19.57
CA GLY B 99 -17.97 -20.90 18.45
C GLY B 99 -16.54 -20.96 17.91
N ASN B 100 -16.32 -21.81 16.93
CA ASN B 100 -15.02 -22.00 16.31
C ASN B 100 -14.79 -20.94 15.25
N ILE B 101 -13.84 -20.07 15.55
CA ILE B 101 -13.44 -18.94 14.72
C ILE B 101 -12.04 -19.13 14.14
N GLN B 102 -11.91 -18.89 12.83
CA GLN B 102 -10.63 -19.06 12.17
C GLN B 102 -9.88 -17.75 12.05
N ALA B 103 -8.63 -17.75 12.50
CA ALA B 103 -7.78 -16.54 12.46
C ALA B 103 -7.46 -16.10 11.04
N THR B 104 -7.61 -17.00 10.08
CA THR B 104 -7.30 -16.67 8.70
C THR B 104 -8.35 -15.81 8.04
N SER B 105 -9.28 -15.31 8.84
CA SER B 105 -10.35 -14.40 8.36
C SER B 105 -10.36 -13.22 9.35
N PRO B 106 -9.28 -12.42 9.32
CA PRO B 106 -9.11 -11.25 10.20
C PRO B 106 -10.13 -10.14 10.11
N CYS B 107 -11.01 -10.18 9.10
CA CYS B 107 -12.00 -9.10 8.98
C CYS B 107 -13.35 -9.33 9.64
N LEU B 108 -13.37 -10.16 10.67
CA LEU B 108 -14.60 -10.45 11.41
C LEU B 108 -14.97 -9.28 12.32
N HIS B 109 -16.26 -8.98 12.42
CA HIS B 109 -16.73 -7.89 13.25
C HIS B 109 -17.63 -8.46 14.34
N PRO B 110 -17.58 -7.88 15.54
CA PRO B 110 -18.42 -8.40 16.62
C PRO B 110 -19.92 -8.45 16.31
N THR B 111 -20.39 -7.55 15.46
CA THR B 111 -21.80 -7.49 15.07
C THR B 111 -22.32 -8.82 14.52
N ASP B 112 -21.54 -9.46 13.67
CA ASP B 112 -21.94 -10.73 13.10
C ASP B 112 -21.98 -11.84 14.14
N LEU B 113 -21.02 -11.82 15.06
CA LEU B 113 -20.97 -12.83 16.09
C LEU B 113 -22.13 -12.68 17.06
N GLN B 114 -22.64 -11.46 17.18
CA GLN B 114 -23.76 -11.16 18.07
C GLN B 114 -25.10 -11.64 17.51
N LYS B 115 -25.21 -11.56 16.19
CA LYS B 115 -26.41 -11.96 15.49
C LYS B 115 -26.49 -13.48 15.39
N VAL B 116 -25.34 -14.13 15.33
CA VAL B 116 -25.32 -15.58 15.26
C VAL B 116 -25.69 -16.12 16.63
N ALA B 117 -25.17 -15.48 17.66
CA ALA B 117 -25.47 -15.88 19.03
C ALA B 117 -26.98 -15.77 19.24
N GLU B 118 -27.56 -14.75 18.63
CA GLU B 118 -28.99 -14.52 18.74
C GLU B 118 -29.80 -15.53 17.94
N MET B 119 -29.25 -16.00 16.83
CA MET B 119 -29.95 -16.99 16.02
C MET B 119 -30.05 -18.27 16.85
N ILE B 120 -29.01 -18.57 17.60
CA ILE B 120 -28.99 -19.77 18.44
C ILE B 120 -29.84 -19.60 19.71
N ARG B 121 -29.74 -18.40 20.29
CA ARG B 121 -30.47 -18.07 21.51
C ARG B 121 -31.96 -17.98 21.25
N GLU B 122 -32.31 -17.25 20.19
CA GLU B 122 -33.72 -17.04 19.84
C GLU B 122 -34.38 -18.11 18.99
N GLU B 123 -33.83 -18.42 17.83
CA GLU B 123 -34.44 -19.43 16.96
C GLU B 123 -33.90 -20.82 17.28
N GLY B 124 -33.42 -20.97 18.51
CA GLY B 124 -32.89 -22.25 18.94
C GLY B 124 -32.17 -23.05 17.88
N TYR B 125 -31.21 -22.45 17.17
CA TYR B 125 -30.48 -23.20 16.16
C TYR B 125 -29.47 -24.10 16.82
N ASP B 126 -29.19 -25.24 16.20
CA ASP B 126 -28.23 -26.17 16.76
C ASP B 126 -26.82 -25.87 16.31
N SER B 127 -26.68 -25.48 15.03
CA SER B 127 -25.39 -25.14 14.46
C SER B 127 -25.54 -23.98 13.46
N VAL B 128 -24.52 -23.12 13.39
CA VAL B 128 -24.56 -21.97 12.51
C VAL B 128 -23.14 -21.65 12.02
N PHE B 129 -22.99 -21.46 10.71
CA PHE B 129 -21.69 -21.19 10.12
C PHE B 129 -21.74 -20.07 9.08
N SER B 130 -20.65 -19.30 9.02
CA SER B 130 -20.52 -18.19 8.10
C SER B 130 -20.45 -18.61 6.64
N VAL B 131 -21.15 -17.86 5.78
CA VAL B 131 -21.19 -18.16 4.37
C VAL B 131 -21.08 -16.87 3.52
N VAL B 132 -20.74 -17.00 2.25
CA VAL B 132 -20.61 -15.85 1.34
C VAL B 132 -21.23 -16.08 -0.05
N ARG B 133 -21.84 -15.04 -0.58
CA ARG B 133 -22.49 -15.16 -1.89
C ARG B 133 -21.52 -14.80 -3.02
N ARG B 134 -21.45 -15.67 -4.04
CA ARG B 134 -20.59 -15.48 -5.19
C ARG B 134 -21.35 -15.72 -6.49
N HIS B 135 -20.96 -14.99 -7.53
CA HIS B 135 -21.57 -15.09 -8.85
C HIS B 135 -20.58 -15.54 -9.89
N GLN B 136 -20.14 -16.79 -9.81
CA GLN B 136 -19.19 -17.34 -10.76
C GLN B 136 -19.71 -18.67 -11.35
N PHE B 137 -19.58 -18.79 -12.67
CA PHE B 137 -20.06 -19.95 -13.38
C PHE B 137 -19.15 -21.17 -13.26
N ARG B 138 -19.76 -22.34 -13.09
CA ARG B 138 -19.06 -23.63 -12.94
C ARG B 138 -19.17 -24.57 -14.16
N TRP B 139 -18.03 -25.15 -14.54
CA TRP B 139 -17.93 -26.08 -15.66
C TRP B 139 -17.19 -27.36 -15.26
N SER B 140 -17.72 -28.52 -15.68
CA SER B 140 -17.12 -29.83 -15.37
C SER B 140 -15.59 -29.87 -15.53
N GLU B 141 -14.99 -31.02 -15.23
CA GLU B 141 -13.53 -31.20 -15.40
C GLU B 141 -13.35 -32.50 -16.19
N ILE B 142 -12.53 -32.45 -17.25
CA ILE B 142 -12.27 -33.61 -18.09
C ILE B 142 -11.92 -34.77 -17.18
N GLN B 143 -12.76 -35.80 -17.16
CA GLN B 143 -12.55 -36.98 -16.31
C GLN B 143 -11.30 -37.76 -16.68
N LYS B 144 -10.86 -38.64 -15.78
CA LYS B 144 -9.68 -39.46 -16.01
C LYS B 144 -9.82 -40.26 -17.30
N GLY B 145 -8.70 -40.80 -17.78
CA GLY B 145 -8.73 -41.58 -19.01
C GLY B 145 -9.12 -40.71 -20.19
N VAL B 146 -9.14 -39.40 -19.93
CA VAL B 146 -9.50 -38.38 -20.92
C VAL B 146 -10.76 -38.70 -21.74
N ARG B 147 -11.23 -37.70 -22.46
CA ARG B 147 -12.43 -37.81 -23.29
C ARG B 147 -12.66 -36.41 -23.84
N GLU B 148 -12.22 -35.43 -23.06
CA GLU B 148 -12.34 -34.01 -23.39
C GLU B 148 -13.78 -33.57 -23.64
N VAL B 149 -14.37 -32.93 -22.63
CA VAL B 149 -15.73 -32.44 -22.71
C VAL B 149 -16.12 -31.71 -21.43
N THR B 150 -16.56 -30.46 -21.57
CA THR B 150 -16.98 -29.66 -20.43
C THR B 150 -18.47 -29.36 -20.59
N GLU B 151 -19.16 -29.20 -19.47
CA GLU B 151 -20.58 -28.92 -19.47
C GLU B 151 -20.86 -27.80 -18.48
N PRO B 152 -21.69 -26.82 -18.88
CA PRO B 152 -22.02 -25.71 -17.98
C PRO B 152 -22.79 -26.19 -16.76
N LEU B 153 -22.13 -26.23 -15.61
CA LEU B 153 -22.79 -26.68 -14.38
C LEU B 153 -23.74 -25.66 -13.78
N ASN B 154 -23.66 -24.42 -14.25
CA ASN B 154 -24.52 -23.34 -13.78
C ASN B 154 -25.36 -22.82 -14.94
N LEU B 155 -24.95 -21.66 -15.44
CA LEU B 155 -25.62 -20.98 -16.55
C LEU B 155 -25.97 -21.82 -17.78
N ASN B 156 -26.61 -21.13 -18.72
CA ASN B 156 -26.96 -21.69 -20.00
C ASN B 156 -26.15 -20.81 -20.94
N PRO B 157 -25.12 -21.38 -21.56
CA PRO B 157 -24.22 -20.70 -22.49
C PRO B 157 -24.92 -19.88 -23.57
N ALA B 158 -26.12 -20.30 -23.94
CA ALA B 158 -26.91 -19.62 -24.97
C ALA B 158 -27.32 -18.26 -24.46
N LYS B 159 -27.42 -18.15 -23.14
CA LYS B 159 -27.82 -16.90 -22.52
C LYS B 159 -27.06 -16.68 -21.21
N ARG B 160 -25.93 -15.98 -21.32
CA ARG B 160 -25.11 -15.68 -20.15
C ARG B 160 -25.74 -14.47 -19.48
N PRO B 161 -25.99 -14.56 -18.16
CA PRO B 161 -26.58 -13.52 -17.31
C PRO B 161 -25.58 -12.59 -16.65
N ARG B 162 -25.98 -11.34 -16.41
CA ARG B 162 -25.12 -10.37 -15.73
C ARG B 162 -25.13 -10.77 -14.25
N ARG B 163 -24.19 -10.23 -13.45
CA ARG B 163 -24.12 -10.61 -12.04
C ARG B 163 -25.31 -10.16 -11.23
N GLN B 164 -25.94 -9.07 -11.64
CA GLN B 164 -27.10 -8.57 -10.93
C GLN B 164 -28.42 -9.18 -11.44
N ASP B 165 -28.28 -10.18 -12.31
CA ASP B 165 -29.43 -10.87 -12.89
C ASP B 165 -29.76 -12.21 -12.21
N TRP B 166 -29.02 -12.57 -11.18
CA TRP B 166 -29.29 -13.83 -10.49
C TRP B 166 -28.60 -13.86 -9.15
N ASP B 167 -29.25 -14.48 -8.17
CA ASP B 167 -28.65 -14.61 -6.84
C ASP B 167 -27.48 -15.44 -7.27
N GLY B 168 -26.40 -15.43 -6.53
CA GLY B 168 -25.29 -16.25 -6.98
C GLY B 168 -25.48 -17.60 -6.36
N GLU B 169 -24.47 -18.02 -5.62
CA GLU B 169 -24.51 -19.28 -4.90
C GLU B 169 -23.85 -18.93 -3.57
N LEU B 170 -24.03 -19.81 -2.59
CA LEU B 170 -23.46 -19.60 -1.27
C LEU B 170 -22.32 -20.55 -0.95
N TYR B 171 -21.17 -20.00 -0.57
CA TYR B 171 -20.03 -20.82 -0.23
C TYR B 171 -19.57 -20.46 1.17
N GLU B 172 -19.08 -21.45 1.92
CA GLU B 172 -18.58 -21.17 3.25
C GLU B 172 -17.37 -20.30 3.02
N ASN B 173 -17.09 -19.37 3.93
CA ASN B 173 -15.92 -18.51 3.77
C ASN B 173 -14.80 -18.86 4.77
N GLY B 174 -15.07 -19.82 5.67
CA GLY B 174 -14.09 -20.23 6.67
C GLY B 174 -14.08 -19.42 7.97
N SER B 175 -14.78 -18.29 7.99
CA SER B 175 -14.82 -17.44 9.16
C SER B 175 -15.14 -18.13 10.47
N PHE B 176 -16.37 -18.60 10.61
CA PHE B 176 -16.74 -19.26 11.85
C PHE B 176 -17.66 -20.45 11.71
N TYR B 177 -17.60 -21.33 12.71
CA TYR B 177 -18.43 -22.52 12.77
C TYR B 177 -18.92 -22.67 14.20
N PHE B 178 -20.22 -22.44 14.39
CA PHE B 178 -20.84 -22.56 15.72
C PHE B 178 -21.55 -23.91 15.79
N ALA B 179 -21.35 -24.63 16.88
CA ALA B 179 -22.02 -25.90 17.01
C ALA B 179 -22.20 -26.31 18.47
N LYS B 180 -23.29 -27.02 18.75
CA LYS B 180 -23.56 -27.49 20.10
C LYS B 180 -22.68 -28.69 20.43
N ARG B 181 -22.43 -28.91 21.72
CA ARG B 181 -21.60 -30.02 22.14
C ARG B 181 -22.09 -31.38 21.63
N HIS B 182 -23.37 -31.67 21.77
CA HIS B 182 -23.89 -32.95 21.31
C HIS B 182 -23.60 -33.19 19.83
N LEU B 183 -23.45 -32.10 19.07
CA LEU B 183 -23.15 -32.23 17.66
C LEU B 183 -21.68 -32.59 17.44
N ILE B 184 -20.77 -31.75 17.94
CA ILE B 184 -19.35 -32.03 17.77
C ILE B 184 -19.01 -33.40 18.34
N GLU B 185 -19.65 -33.74 19.46
CA GLU B 185 -19.42 -35.02 20.10
C GLU B 185 -20.22 -36.10 19.40
N MET B 186 -20.29 -36.00 18.09
CA MET B 186 -21.03 -36.96 17.28
C MET B 186 -20.37 -37.01 15.91
N GLY B 187 -19.44 -36.08 15.67
CA GLY B 187 -18.73 -36.04 14.40
C GLY B 187 -19.17 -34.96 13.42
N TYR B 188 -20.20 -34.20 13.76
CA TYR B 188 -20.68 -33.15 12.85
C TYR B 188 -20.24 -31.75 13.25
N LEU B 189 -19.58 -31.04 12.34
CA LEU B 189 -19.16 -29.67 12.62
C LEU B 189 -20.43 -28.87 12.46
N GLN B 190 -21.30 -29.34 11.56
CA GLN B 190 -22.58 -28.70 11.30
C GLN B 190 -23.62 -29.80 11.25
N GLY B 191 -24.83 -29.48 11.67
CA GLY B 191 -25.86 -30.48 11.68
C GLY B 191 -27.01 -30.05 12.55
N GLY B 192 -27.90 -30.99 12.83
CA GLY B 192 -29.08 -30.69 13.64
C GLY B 192 -29.86 -29.60 12.91
N LYS B 193 -30.51 -28.72 13.66
CA LYS B 193 -31.22 -27.63 13.02
C LYS B 193 -30.12 -26.67 12.54
N MET B 194 -29.68 -26.88 11.30
CA MET B 194 -28.63 -26.10 10.66
C MET B 194 -29.02 -24.79 9.99
N ALA B 195 -28.12 -23.82 10.10
CA ALA B 195 -28.30 -22.51 9.48
C ALA B 195 -26.95 -21.94 9.07
N TYR B 196 -26.96 -21.09 8.06
CA TYR B 196 -25.75 -20.44 7.59
C TYR B 196 -25.96 -19.00 7.92
N TYR B 197 -24.90 -18.21 7.85
CA TYR B 197 -24.99 -16.78 8.11
C TYR B 197 -24.17 -16.11 7.00
N GLU B 198 -24.86 -15.33 6.17
CA GLU B 198 -24.19 -14.65 5.06
C GLU B 198 -23.47 -13.40 5.50
N MET B 199 -22.15 -13.38 5.35
CA MET B 199 -21.36 -12.23 5.72
C MET B 199 -21.04 -11.45 4.46
N ARG B 200 -20.56 -10.21 4.63
CA ARG B 200 -20.22 -9.33 3.49
C ARG B 200 -18.93 -9.78 2.83
N ALA B 201 -18.93 -9.79 1.50
CA ALA B 201 -17.74 -10.18 0.74
C ALA B 201 -16.44 -9.49 1.21
N GLU B 202 -16.56 -8.30 1.80
CA GLU B 202 -15.38 -7.55 2.25
C GLU B 202 -14.73 -8.23 3.44
N HIS B 203 -15.50 -9.04 4.15
CA HIS B 203 -14.99 -9.74 5.33
C HIS B 203 -14.71 -11.20 5.07
N SER B 204 -14.96 -11.64 3.84
CA SER B 204 -14.80 -13.05 3.53
C SER B 204 -13.51 -13.49 2.87
N VAL B 205 -12.68 -12.55 2.43
CA VAL B 205 -11.44 -12.93 1.78
C VAL B 205 -10.43 -13.53 2.73
N ASP B 206 -10.14 -14.81 2.47
CA ASP B 206 -9.22 -15.61 3.25
C ASP B 206 -7.81 -15.10 3.00
N ILE B 207 -6.99 -15.20 4.05
CA ILE B 207 -5.58 -14.77 4.02
C ILE B 207 -4.79 -15.55 2.99
N ASP B 208 -4.98 -16.87 2.99
CA ASP B 208 -4.28 -17.71 2.04
C ASP B 208 -4.83 -17.51 0.61
N VAL B 209 -6.07 -17.04 0.49
CA VAL B 209 -6.70 -16.78 -0.81
C VAL B 209 -6.22 -15.49 -1.49
N ASP B 210 -5.91 -14.47 -0.67
CA ASP B 210 -5.39 -13.19 -1.18
C ASP B 210 -4.00 -13.47 -1.77
N ILE B 211 -3.35 -14.49 -1.21
CA ILE B 211 -2.02 -14.95 -1.62
C ILE B 211 -0.91 -14.15 -0.96
N ASP B 212 -0.83 -12.86 -1.30
CA ASP B 212 0.17 -11.97 -0.75
C ASP B 212 -0.22 -11.41 0.62
N TRP B 213 0.72 -11.47 1.56
CA TRP B 213 0.47 -11.00 2.90
C TRP B 213 0.19 -9.50 2.90
N PRO B 214 1.00 -8.70 2.19
CA PRO B 214 0.70 -7.27 2.21
C PRO B 214 -0.65 -6.88 1.60
N ILE B 215 -1.06 -7.54 0.52
CA ILE B 215 -2.37 -7.23 -0.08
C ILE B 215 -3.40 -7.55 0.99
N ALA B 216 -3.09 -8.57 1.79
CA ALA B 216 -3.98 -8.97 2.89
C ALA B 216 -3.98 -7.86 3.93
N GLU B 217 -2.79 -7.29 4.18
CA GLU B 217 -2.68 -6.24 5.15
C GLU B 217 -3.45 -5.03 4.67
N GLN B 218 -3.48 -4.83 3.35
CA GLN B 218 -4.17 -3.68 2.79
C GLN B 218 -5.65 -3.87 3.04
N ARG B 219 -6.07 -5.12 2.89
CA ARG B 219 -7.46 -5.53 3.06
C ARG B 219 -7.95 -5.34 4.51
N VAL B 220 -7.27 -5.97 5.46
CA VAL B 220 -7.70 -5.84 6.86
C VAL B 220 -7.78 -4.38 7.32
N LEU B 221 -6.85 -3.55 6.86
CA LEU B 221 -6.81 -2.12 7.25
C LEU B 221 -7.98 -1.36 6.67
N ARG B 222 -8.54 -1.90 5.59
CA ARG B 222 -9.66 -1.26 4.89
C ARG B 222 -11.03 -1.80 5.33
N PHE B 223 -11.04 -3.07 5.78
CA PHE B 223 -12.29 -3.71 6.17
C PHE B 223 -12.30 -4.43 7.51
N GLY B 224 -11.24 -4.30 8.29
CA GLY B 224 -11.21 -4.98 9.57
C GLY B 224 -11.73 -4.16 10.72
N TYR B 225 -11.95 -4.81 11.86
CA TYR B 225 -12.43 -4.20 13.10
C TYR B 225 -11.14 -3.84 13.88
N PHE B 226 -11.02 -2.60 14.34
CA PHE B 226 -9.81 -2.22 15.05
C PHE B 226 -10.03 -2.09 16.53
N GLY B 227 -11.24 -2.39 17.00
CA GLY B 227 -11.53 -2.28 18.42
C GLY B 227 -12.59 -1.23 18.65
N LYS B 228 -12.76 -0.81 19.91
CA LYS B 228 -13.78 0.19 20.24
C LYS B 228 -13.43 1.64 19.92
N GLU B 229 -14.37 2.30 19.25
CA GLU B 229 -14.24 3.70 18.83
C GLU B 229 -14.42 4.68 20.00
N PRO C 1 18.37 28.32 -33.39
CA PRO C 1 17.74 28.46 -32.06
C PRO C 1 18.49 27.64 -31.01
N PRO C 2 18.56 28.14 -29.75
CA PRO C 2 19.25 27.46 -28.66
C PRO C 2 18.85 25.99 -28.51
N HIS C 3 19.84 25.09 -28.57
CA HIS C 3 19.58 23.65 -28.48
C HIS C 3 19.69 23.06 -27.08
N LEU C 4 18.53 22.85 -26.46
CA LEU C 4 18.44 22.30 -25.12
C LEU C 4 18.46 20.77 -25.15
N ALA C 5 19.33 20.19 -24.35
CA ALA C 5 19.45 18.73 -24.27
C ALA C 5 19.16 18.22 -22.85
N ALA C 6 18.23 17.28 -22.76
CA ALA C 6 17.89 16.70 -21.46
C ALA C 6 18.93 15.64 -21.23
N LEU C 7 19.46 15.58 -20.02
CA LEU C 7 20.50 14.60 -19.72
C LEU C 7 20.24 13.89 -18.41
N VAL C 8 20.05 12.58 -18.48
CA VAL C 8 19.84 11.81 -17.29
C VAL C 8 21.00 10.85 -17.17
N LEU C 9 21.80 11.07 -16.13
CA LEU C 9 22.99 10.25 -15.89
C LEU C 9 22.53 9.01 -15.15
N ALA C 10 22.71 7.86 -15.77
CA ALA C 10 22.30 6.59 -15.18
C ALA C 10 23.44 5.58 -15.19
N ARG C 11 24.30 5.67 -14.19
CA ARG C 11 25.44 4.74 -14.08
C ARG C 11 24.92 3.37 -13.64
N GLY C 12 25.83 2.44 -13.42
CA GLY C 12 25.44 1.12 -12.98
C GLY C 12 26.07 0.80 -11.63
N GLY C 13 26.45 1.84 -10.89
CA GLY C 13 27.06 1.61 -9.59
C GLY C 13 26.61 2.54 -8.47
N SER C 14 27.57 3.18 -7.82
CA SER C 14 27.29 4.10 -6.73
C SER C 14 26.60 3.39 -5.57
N LYS C 15 26.24 4.13 -4.52
CA LYS C 15 25.57 3.55 -3.37
C LYS C 15 24.10 3.28 -3.67
N GLY C 16 23.85 2.14 -4.30
CA GLY C 16 22.48 1.76 -4.64
C GLY C 16 22.41 0.55 -5.54
N ILE C 17 23.55 -0.11 -5.76
CA ILE C 17 23.63 -1.29 -6.61
C ILE C 17 22.76 -2.41 -6.05
N PRO C 18 22.32 -3.36 -6.91
CA PRO C 18 22.53 -3.43 -8.37
C PRO C 18 21.88 -2.29 -9.15
N LEU C 19 21.54 -2.53 -10.41
CA LEU C 19 20.95 -1.52 -11.29
C LEU C 19 19.61 -0.96 -10.84
N LYS C 20 19.65 0.09 -10.01
CA LYS C 20 18.45 0.72 -9.51
C LYS C 20 17.88 1.74 -10.48
N ASN C 21 18.68 2.16 -11.45
CA ASN C 21 18.22 3.15 -12.42
C ASN C 21 17.17 2.56 -13.36
N ILE C 22 17.15 1.24 -13.47
CA ILE C 22 16.15 0.58 -14.32
C ILE C 22 15.27 -0.36 -13.49
N LYS C 23 15.43 -0.31 -12.17
CA LYS C 23 14.62 -1.14 -11.29
C LYS C 23 13.19 -0.62 -11.40
N ARG C 24 12.23 -1.52 -11.38
CA ARG C 24 10.84 -1.09 -11.51
C ARG C 24 10.32 -0.39 -10.28
N LEU C 25 9.77 0.79 -10.49
CA LEU C 25 9.19 1.58 -9.42
C LEU C 25 7.77 1.76 -9.88
N ALA C 26 6.84 1.11 -9.17
CA ALA C 26 5.41 1.15 -9.51
C ALA C 26 5.26 0.58 -10.92
N GLY C 27 5.99 -0.51 -11.19
CA GLY C 27 5.93 -1.17 -12.47
C GLY C 27 6.73 -0.60 -13.63
N VAL C 28 7.35 0.56 -13.40
CA VAL C 28 8.14 1.23 -14.43
C VAL C 28 9.58 1.40 -13.98
N PRO C 29 10.55 0.97 -14.81
CA PRO C 29 11.95 1.14 -14.40
C PRO C 29 12.25 2.61 -14.13
N LEU C 30 12.88 2.87 -13.00
CA LEU C 30 13.18 4.23 -12.57
C LEU C 30 13.39 5.33 -13.63
N ILE C 31 14.40 5.21 -14.48
CA ILE C 31 14.66 6.25 -15.47
C ILE C 31 13.44 6.58 -16.31
N GLY C 32 12.54 5.61 -16.42
CA GLY C 32 11.32 5.79 -17.20
C GLY C 32 10.49 6.99 -16.75
N TRP C 33 10.34 7.17 -15.45
CA TRP C 33 9.56 8.27 -14.90
C TRP C 33 10.04 9.62 -15.40
N VAL C 34 11.29 9.93 -15.09
CA VAL C 34 11.92 11.18 -15.48
C VAL C 34 12.00 11.41 -16.99
N LEU C 35 12.33 10.36 -17.75
CA LEU C 35 12.42 10.48 -19.20
C LEU C 35 11.03 10.84 -19.77
N ARG C 36 9.99 10.21 -19.26
CA ARG C 36 8.61 10.47 -19.69
C ARG C 36 8.25 11.96 -19.56
N ALA C 37 8.48 12.53 -18.38
CA ALA C 37 8.16 13.92 -18.14
C ALA C 37 8.97 14.81 -19.09
N ALA C 38 10.24 14.46 -19.30
CA ALA C 38 11.11 15.24 -20.17
C ALA C 38 10.56 15.27 -21.58
N LEU C 39 10.34 14.10 -22.18
CA LEU C 39 9.80 14.04 -23.54
C LEU C 39 8.44 14.73 -23.67
N ASP C 40 7.52 14.42 -22.77
CA ASP C 40 6.21 15.04 -22.85
C ASP C 40 6.24 16.56 -22.64
N ALA C 41 7.36 17.09 -22.16
CA ALA C 41 7.46 18.54 -21.93
C ALA C 41 7.52 19.27 -23.28
N GLY C 42 8.06 18.57 -24.28
CA GLY C 42 8.17 19.15 -25.60
C GLY C 42 8.97 20.45 -25.64
N VAL C 43 10.01 20.55 -24.82
CA VAL C 43 10.85 21.74 -24.83
C VAL C 43 12.33 21.42 -25.02
N PHE C 44 12.66 20.15 -25.15
CA PHE C 44 14.06 19.76 -25.36
C PHE C 44 14.28 19.44 -26.82
N GLN C 45 15.46 19.77 -27.34
CA GLN C 45 15.75 19.46 -28.74
C GLN C 45 16.25 18.02 -28.78
N SER C 46 16.49 17.45 -27.60
CA SER C 46 16.95 16.09 -27.46
C SER C 46 16.93 15.61 -26.01
N VAL C 47 16.53 14.36 -25.81
CA VAL C 47 16.47 13.75 -24.49
C VAL C 47 17.54 12.65 -24.47
N TRP C 48 18.55 12.84 -23.64
CA TRP C 48 19.63 11.87 -23.57
C TRP C 48 19.74 11.15 -22.24
N VAL C 49 20.54 10.09 -22.24
CA VAL C 49 20.79 9.31 -21.04
C VAL C 49 22.22 8.80 -21.10
N SER C 50 23.04 9.25 -20.16
CA SER C 50 24.43 8.83 -20.11
C SER C 50 24.52 7.58 -19.24
N THR C 51 24.91 6.47 -19.87
CA THR C 51 25.01 5.22 -19.17
C THR C 51 26.21 4.35 -19.59
N ASP C 52 26.60 3.46 -18.69
CA ASP C 52 27.71 2.57 -18.92
C ASP C 52 27.22 1.14 -18.75
N HIS C 53 25.96 0.93 -19.12
CA HIS C 53 25.34 -0.38 -19.00
C HIS C 53 24.46 -0.63 -20.21
N ASP C 54 24.47 -1.86 -20.70
CA ASP C 54 23.65 -2.21 -21.85
C ASP C 54 22.19 -2.32 -21.47
N GLU C 55 21.92 -2.87 -20.28
CA GLU C 55 20.54 -3.01 -19.84
C GLU C 55 19.88 -1.66 -19.67
N ILE C 56 20.62 -0.69 -19.14
CA ILE C 56 20.07 0.64 -18.95
C ILE C 56 19.88 1.31 -20.31
N GLU C 57 20.82 1.03 -21.23
CA GLU C 57 20.75 1.59 -22.58
C GLU C 57 19.46 1.16 -23.25
N ASN C 58 19.13 -0.13 -23.12
CA ASN C 58 17.91 -0.67 -23.71
C ASN C 58 16.68 0.03 -23.18
N VAL C 59 16.51 -0.02 -21.86
CA VAL C 59 15.37 0.62 -21.23
C VAL C 59 15.29 2.08 -21.71
N ALA C 60 16.41 2.80 -21.64
CA ALA C 60 16.44 4.19 -22.07
C ALA C 60 15.87 4.34 -23.49
N LYS C 61 16.30 3.45 -24.38
CA LYS C 61 15.83 3.47 -25.76
C LYS C 61 14.33 3.16 -25.81
N GLN C 62 13.90 2.24 -24.97
CA GLN C 62 12.50 1.85 -24.90
C GLN C 62 11.64 3.08 -24.62
N PHE C 63 12.13 3.99 -23.77
CA PHE C 63 11.35 5.18 -23.47
C PHE C 63 11.64 6.34 -24.43
N GLY C 64 12.21 6.00 -25.59
CA GLY C 64 12.51 6.99 -26.61
C GLY C 64 13.53 8.04 -26.25
N ALA C 65 14.58 7.63 -25.54
CA ALA C 65 15.63 8.55 -25.14
C ALA C 65 16.92 8.14 -25.82
N GLN C 66 17.63 9.11 -26.40
CA GLN C 66 18.89 8.79 -27.07
C GLN C 66 19.83 8.35 -25.95
N VAL C 67 20.79 7.50 -26.30
CA VAL C 67 21.73 7.02 -25.31
C VAL C 67 23.19 7.30 -25.67
N HIS C 68 23.95 7.69 -24.65
CA HIS C 68 25.36 7.99 -24.77
C HIS C 68 26.11 7.04 -23.86
N ARG C 69 26.99 6.20 -24.42
CA ARG C 69 27.76 5.29 -23.59
C ARG C 69 28.92 6.03 -22.93
N ARG C 70 28.75 6.34 -21.65
CA ARG C 70 29.72 7.07 -20.84
C ARG C 70 31.05 6.34 -20.74
N SER C 71 32.12 7.10 -20.86
CA SER C 71 33.48 6.56 -20.78
C SER C 71 33.72 5.94 -19.41
N SER C 72 34.84 5.26 -19.23
CA SER C 72 35.12 4.63 -17.95
C SER C 72 35.65 5.61 -16.91
N GLU C 73 36.08 6.77 -17.35
CA GLU C 73 36.60 7.79 -16.45
C GLU C 73 35.49 8.27 -15.53
N THR C 74 34.41 8.76 -16.14
CA THR C 74 33.28 9.28 -15.38
C THR C 74 32.37 8.19 -14.82
N SER C 75 32.83 6.94 -14.85
CA SER C 75 32.03 5.84 -14.33
C SER C 75 32.43 5.49 -12.90
N LYS C 76 33.66 5.82 -12.53
CA LYS C 76 34.16 5.54 -11.19
C LYS C 76 33.24 6.16 -10.13
N ASP C 77 33.09 5.47 -9.00
CA ASP C 77 32.24 5.93 -7.91
C ASP C 77 32.57 7.36 -7.52
N SER C 78 33.85 7.73 -7.68
CA SER C 78 34.31 9.08 -7.33
C SER C 78 34.24 10.07 -8.49
N SER C 79 33.30 9.85 -9.41
CA SER C 79 33.12 10.73 -10.55
C SER C 79 31.94 11.66 -10.29
N THR C 80 32.20 12.97 -10.28
CA THR C 80 31.16 13.95 -10.03
C THR C 80 30.15 13.97 -11.17
N SER C 81 29.07 14.71 -10.97
CA SER C 81 28.05 14.81 -12.00
C SER C 81 28.53 15.76 -13.09
N LEU C 82 29.26 16.79 -12.69
CA LEU C 82 29.79 17.77 -13.63
C LEU C 82 30.74 17.07 -14.58
N ASP C 83 31.51 16.14 -14.02
CA ASP C 83 32.46 15.37 -14.81
C ASP C 83 31.66 14.67 -15.90
N ALA C 84 30.62 13.98 -15.48
CA ALA C 84 29.76 13.26 -16.40
C ALA C 84 29.16 14.21 -17.43
N ILE C 85 28.58 15.31 -16.98
CA ILE C 85 27.96 16.27 -17.92
C ILE C 85 28.99 16.85 -18.90
N VAL C 86 30.17 17.20 -18.39
CA VAL C 86 31.24 17.74 -19.24
C VAL C 86 31.60 16.73 -20.33
N GLU C 87 31.85 15.48 -19.92
CA GLU C 87 32.21 14.40 -20.84
C GLU C 87 31.17 14.25 -21.93
N PHE C 88 29.92 14.22 -21.52
CA PHE C 88 28.81 14.07 -22.45
C PHE C 88 28.92 15.14 -23.53
N LEU C 89 29.01 16.39 -23.07
CA LEU C 89 29.13 17.52 -23.99
C LEU C 89 30.34 17.43 -24.92
N ASN C 90 31.39 16.75 -24.49
CA ASN C 90 32.57 16.63 -25.32
C ASN C 90 32.28 15.95 -26.66
N TYR C 91 31.18 15.20 -26.74
CA TYR C 91 30.82 14.50 -27.97
C TYR C 91 29.61 15.11 -28.65
N HIS C 92 29.27 16.34 -28.27
CA HIS C 92 28.10 17.00 -28.84
C HIS C 92 28.32 18.50 -28.92
N ASN C 93 28.19 19.05 -30.13
CA ASN C 93 28.39 20.48 -30.33
C ASN C 93 27.05 21.17 -30.55
N GLU C 94 26.04 20.40 -30.98
CA GLU C 94 24.72 20.98 -31.23
C GLU C 94 24.08 21.43 -29.95
N VAL C 95 24.33 20.70 -28.86
CA VAL C 95 23.73 21.04 -27.56
C VAL C 95 24.38 22.25 -26.89
N ASP C 96 23.56 23.27 -26.61
CA ASP C 96 24.03 24.49 -25.98
C ASP C 96 23.70 24.60 -24.48
N ILE C 97 22.49 24.22 -24.12
CA ILE C 97 22.03 24.28 -22.74
C ILE C 97 21.70 22.86 -22.28
N VAL C 98 22.26 22.44 -21.15
CA VAL C 98 21.98 21.09 -20.66
C VAL C 98 21.00 21.03 -19.47
N GLY C 99 20.00 20.17 -19.61
CA GLY C 99 19.02 19.99 -18.56
C GLY C 99 19.30 18.70 -17.82
N ASN C 100 20.11 18.79 -16.77
CA ASN C 100 20.46 17.61 -15.99
C ASN C 100 19.33 17.22 -15.06
N ILE C 101 18.72 16.07 -15.32
CA ILE C 101 17.61 15.56 -14.51
C ILE C 101 18.00 14.26 -13.81
N GLN C 102 17.75 14.19 -12.51
CA GLN C 102 18.09 13.01 -11.74
C GLN C 102 16.93 12.05 -11.68
N ALA C 103 17.20 10.79 -11.99
CA ALA C 103 16.16 9.76 -11.98
C ALA C 103 15.67 9.45 -10.56
N THR C 104 16.43 9.86 -9.56
CA THR C 104 16.04 9.61 -8.17
C THR C 104 14.92 10.54 -7.69
N SER C 105 14.33 11.31 -8.60
CA SER C 105 13.22 12.21 -8.28
C SER C 105 12.15 11.97 -9.35
N PRO C 106 11.57 10.76 -9.35
CA PRO C 106 10.54 10.35 -10.30
C PRO C 106 9.21 11.09 -10.31
N CYS C 107 8.99 12.00 -9.38
CA CYS C 107 7.72 12.72 -9.37
C CYS C 107 7.78 14.04 -10.12
N LEU C 108 8.63 14.08 -11.15
CA LEU C 108 8.81 15.26 -12.01
C LEU C 108 7.65 15.39 -12.99
N HIS C 109 7.17 16.61 -13.23
CA HIS C 109 6.07 16.84 -14.18
C HIS C 109 6.57 17.74 -15.30
N PRO C 110 6.16 17.47 -16.56
CA PRO C 110 6.64 18.31 -17.65
C PRO C 110 6.37 19.80 -17.50
N THR C 111 5.36 20.16 -16.72
CA THR C 111 5.00 21.56 -16.49
C THR C 111 6.12 22.36 -15.85
N ASP C 112 6.83 21.74 -14.91
CA ASP C 112 7.92 22.40 -14.24
C ASP C 112 9.10 22.57 -15.21
N LEU C 113 9.31 21.55 -16.03
CA LEU C 113 10.38 21.60 -17.00
C LEU C 113 10.16 22.67 -18.08
N GLN C 114 8.90 22.92 -18.41
CA GLN C 114 8.54 23.91 -19.42
C GLN C 114 8.74 25.33 -18.87
N LYS C 115 8.37 25.53 -17.61
CA LYS C 115 8.50 26.82 -16.97
C LYS C 115 9.96 27.21 -16.78
N VAL C 116 10.81 26.23 -16.51
CA VAL C 116 12.24 26.48 -16.33
C VAL C 116 12.84 26.84 -17.67
N ALA C 117 12.42 26.13 -18.71
CA ALA C 117 12.90 26.40 -20.06
C ALA C 117 12.54 27.82 -20.48
N GLU C 118 11.39 28.29 -20.02
CA GLU C 118 10.95 29.64 -20.36
C GLU C 118 11.69 30.67 -19.53
N MET C 119 12.18 30.27 -18.37
CA MET C 119 12.93 31.17 -17.50
C MET C 119 14.23 31.49 -18.21
N ILE C 120 14.74 30.51 -18.94
CA ILE C 120 15.99 30.63 -19.68
C ILE C 120 15.87 31.45 -20.99
N ARG C 121 14.78 31.26 -21.71
CA ARG C 121 14.53 31.98 -22.96
C ARG C 121 14.24 33.44 -22.67
N GLU C 122 13.14 33.68 -21.97
CA GLU C 122 12.70 35.01 -21.61
C GLU C 122 13.68 35.73 -20.67
N GLU C 123 13.74 35.29 -19.42
CA GLU C 123 14.62 35.90 -18.43
C GLU C 123 16.10 35.69 -18.69
N GLY C 124 16.42 34.81 -19.64
CA GLY C 124 17.80 34.56 -20.00
C GLY C 124 18.80 34.26 -18.89
N TYR C 125 18.49 33.28 -18.05
CA TYR C 125 19.41 32.89 -16.97
C TYR C 125 20.48 31.97 -17.56
N ASP C 126 21.56 31.77 -16.82
CA ASP C 126 22.64 30.91 -17.27
C ASP C 126 22.45 29.53 -16.65
N SER C 127 21.92 29.52 -15.44
CA SER C 127 21.66 28.28 -14.73
C SER C 127 20.41 28.38 -13.86
N VAL C 128 19.65 27.28 -13.83
CA VAL C 128 18.42 27.21 -13.04
C VAL C 128 18.34 25.79 -12.48
N PHE C 129 18.13 25.70 -11.17
CA PHE C 129 18.05 24.40 -10.50
C PHE C 129 16.80 24.30 -9.59
N SER C 130 16.29 23.08 -9.42
CA SER C 130 15.09 22.88 -8.61
C SER C 130 15.33 22.97 -7.12
N VAL C 131 14.46 23.70 -6.44
CA VAL C 131 14.57 23.91 -5.00
C VAL C 131 13.26 23.61 -4.26
N VAL C 132 13.36 23.35 -2.95
CA VAL C 132 12.19 23.04 -2.13
C VAL C 132 12.19 23.75 -0.79
N ARG C 133 11.02 24.26 -0.39
CA ARG C 133 10.88 24.97 0.87
C ARG C 133 10.59 24.06 2.07
N ARG C 134 11.32 24.28 3.15
CA ARG C 134 11.17 23.50 4.37
C ARG C 134 11.21 24.42 5.58
N HIS C 135 10.48 24.03 6.62
CA HIS C 135 10.42 24.79 7.86
C HIS C 135 10.92 23.94 9.01
N GLN C 136 12.24 23.73 9.06
CA GLN C 136 12.86 22.93 10.12
C GLN C 136 14.00 23.71 10.78
N PHE C 137 13.96 23.75 12.10
CA PHE C 137 14.96 24.46 12.89
C PHE C 137 16.27 23.64 12.99
N ARG C 138 17.42 24.31 12.85
CA ARG C 138 18.71 23.62 12.92
C ARG C 138 19.49 23.83 14.22
N TRP C 139 20.30 22.84 14.58
CA TRP C 139 21.12 22.91 15.78
C TRP C 139 22.52 22.45 15.43
N SER C 140 23.52 23.08 16.02
CA SER C 140 24.92 22.74 15.76
C SER C 140 25.29 21.38 16.32
N GLU C 141 26.29 20.75 15.71
CA GLU C 141 26.74 19.44 16.18
C GLU C 141 27.99 19.57 17.04
N ILE C 142 27.89 19.07 18.27
CA ILE C 142 29.00 19.13 19.21
C ILE C 142 30.27 18.57 18.60
N GLN C 143 31.40 19.21 18.90
CA GLN C 143 32.69 18.79 18.39
C GLN C 143 33.59 18.28 19.51
N LYS C 144 34.45 17.33 19.18
CA LYS C 144 35.36 16.71 20.14
C LYS C 144 36.71 17.43 20.18
N GLY C 145 36.70 18.71 19.82
CA GLY C 145 37.91 19.49 19.80
C GLY C 145 37.91 20.58 20.86
N VAL C 146 36.87 21.40 20.87
CA VAL C 146 36.76 22.49 21.85
C VAL C 146 35.81 22.06 22.97
N ARG C 147 35.15 20.92 22.77
CA ARG C 147 34.22 20.38 23.74
C ARG C 147 33.11 21.37 24.07
N GLU C 148 32.64 22.08 23.04
CA GLU C 148 31.58 23.05 23.22
C GLU C 148 30.24 22.35 23.39
N VAL C 149 29.20 22.90 22.77
CA VAL C 149 27.86 22.32 22.88
C VAL C 149 27.05 22.45 21.59
N THR C 150 25.74 22.64 21.75
CA THR C 150 24.84 22.78 20.61
C THR C 150 24.37 24.23 20.48
N GLU C 151 24.39 24.74 19.26
CA GLU C 151 24.00 26.11 18.98
C GLU C 151 22.90 26.25 17.93
N PRO C 152 21.72 26.75 18.33
CA PRO C 152 20.62 26.93 17.39
C PRO C 152 21.06 27.84 16.23
N LEU C 153 21.28 27.22 15.08
CA LEU C 153 21.77 27.96 13.92
C LEU C 153 20.77 28.77 13.09
N ASN C 154 19.50 28.77 13.48
CA ASN C 154 18.52 29.53 12.72
C ASN C 154 17.22 29.78 13.48
N LEU C 155 17.30 29.80 14.80
CA LEU C 155 16.10 30.04 15.59
C LEU C 155 16.39 30.67 16.94
N ASN C 156 15.31 30.96 17.66
CA ASN C 156 15.38 31.53 19.00
C ASN C 156 14.62 30.58 19.91
N PRO C 157 15.33 29.64 20.53
CA PRO C 157 14.72 28.65 21.43
C PRO C 157 13.57 29.20 22.27
N ALA C 158 13.53 30.52 22.42
CA ALA C 158 12.48 31.20 23.20
C ALA C 158 11.17 31.32 22.42
N LYS C 159 11.16 32.25 21.46
CA LYS C 159 9.98 32.47 20.64
C LYS C 159 10.18 31.87 19.25
N ARG C 160 9.88 30.58 19.16
CA ARG C 160 9.98 29.82 17.92
C ARG C 160 8.60 29.73 17.27
N PRO C 161 8.41 30.39 16.10
CA PRO C 161 7.16 30.42 15.35
C PRO C 161 6.53 29.06 15.03
N ARG C 162 5.62 29.08 14.07
CA ARG C 162 4.92 27.88 13.62
C ARG C 162 5.12 27.80 12.11
N ARG C 163 4.18 27.17 11.42
CA ARG C 163 4.28 27.06 9.96
C ARG C 163 4.16 28.47 9.39
N GLN C 164 3.47 29.32 10.14
CA GLN C 164 3.23 30.72 9.76
C GLN C 164 4.45 31.56 10.18
N ASP C 165 4.26 32.86 10.26
CA ASP C 165 5.33 33.77 10.66
C ASP C 165 6.47 33.78 9.65
N TRP C 166 7.41 32.85 9.77
CA TRP C 166 8.55 32.79 8.86
C TRP C 166 8.27 31.96 7.59
N ASP C 167 9.05 32.21 6.55
CA ASP C 167 8.88 31.53 5.27
C ASP C 167 9.73 30.28 5.09
N GLY C 168 10.38 29.84 6.16
CA GLY C 168 11.20 28.64 6.05
C GLY C 168 12.49 28.88 5.30
N GLU C 169 13.04 27.82 4.72
CA GLU C 169 14.29 27.91 3.96
C GLU C 169 14.21 27.09 2.68
N LEU C 170 15.09 27.37 1.72
CA LEU C 170 15.11 26.65 0.46
C LEU C 170 16.26 25.66 0.37
N TYR C 171 15.95 24.42 0.02
CA TYR C 171 16.94 23.38 -0.11
C TYR C 171 16.84 22.79 -1.51
N GLU C 172 17.96 22.41 -2.11
CA GLU C 172 17.93 21.78 -3.44
C GLU C 172 17.20 20.48 -3.21
N ASN C 173 16.49 19.97 -4.21
CA ASN C 173 15.78 18.69 -4.03
C ASN C 173 16.38 17.58 -4.89
N GLY C 174 17.32 17.94 -5.77
CA GLY C 174 17.98 16.96 -6.60
C GLY C 174 17.30 16.72 -7.93
N SER C 175 16.07 17.21 -8.05
CA SER C 175 15.30 17.03 -9.27
C SER C 175 16.06 17.34 -10.55
N PHE C 176 16.41 18.61 -10.72
CA PHE C 176 17.12 19.01 -11.92
C PHE C 176 18.10 20.16 -11.79
N TYR C 177 18.99 20.24 -12.78
CA TYR C 177 20.00 21.29 -12.85
C TYR C 177 20.19 21.70 -14.30
N PHE C 178 19.73 22.89 -14.63
CA PHE C 178 19.86 23.43 -15.97
C PHE C 178 21.07 24.38 -15.99
N ALA C 179 21.95 24.20 -16.97
CA ALA C 179 23.12 25.05 -17.08
C ALA C 179 23.54 25.20 -18.52
N LYS C 180 24.06 26.38 -18.87
CA LYS C 180 24.54 26.63 -20.22
C LYS C 180 25.92 26.03 -20.39
N ARG C 181 26.28 25.71 -21.62
CA ARG C 181 27.56 25.12 -21.97
C ARG C 181 28.78 25.88 -21.40
N HIS C 182 28.81 27.19 -21.55
CA HIS C 182 29.93 27.98 -21.04
C HIS C 182 30.09 27.85 -19.54
N LEU C 183 28.99 27.59 -18.84
CA LEU C 183 29.05 27.41 -17.39
C LEU C 183 29.71 26.07 -17.09
N ILE C 184 29.10 24.99 -17.59
CA ILE C 184 29.65 23.67 -17.35
C ILE C 184 31.13 23.63 -17.75
N GLU C 185 31.44 24.09 -18.96
CA GLU C 185 32.81 24.07 -19.44
C GLU C 185 33.77 24.98 -18.66
N MET C 186 33.23 25.69 -17.67
CA MET C 186 34.05 26.58 -16.84
C MET C 186 34.15 26.04 -15.42
N GLY C 187 33.24 25.14 -15.05
CA GLY C 187 33.27 24.56 -13.73
C GLY C 187 32.00 24.57 -12.89
N TYR C 188 30.98 25.33 -13.30
CA TYR C 188 29.75 25.37 -12.52
C TYR C 188 28.53 24.89 -13.29
N LEU C 189 27.63 24.22 -12.57
CA LEU C 189 26.39 23.77 -13.16
C LEU C 189 25.40 24.85 -12.72
N GLN C 190 25.79 25.57 -11.68
CA GLN C 190 25.01 26.68 -11.13
C GLN C 190 25.95 27.88 -11.16
N GLY C 191 25.64 28.87 -11.99
CA GLY C 191 26.49 30.04 -12.07
C GLY C 191 25.94 31.13 -12.96
N GLY C 192 26.72 32.18 -13.17
CA GLY C 192 26.28 33.27 -14.00
C GLY C 192 24.98 33.81 -13.47
N LYS C 193 24.07 34.20 -14.36
CA LYS C 193 22.78 34.71 -13.92
C LYS C 193 22.01 33.49 -13.42
N MET C 194 22.16 33.22 -12.13
CA MET C 194 21.58 32.07 -11.48
C MET C 194 20.18 32.26 -10.89
N ALA C 195 19.38 31.20 -10.97
CA ALA C 195 18.03 31.18 -10.45
C ALA C 195 17.66 29.78 -9.98
N TYR C 196 16.78 29.71 -8.98
CA TYR C 196 16.30 28.41 -8.50
C TYR C 196 14.85 28.33 -8.91
N TYR C 197 14.27 27.14 -8.83
CA TYR C 197 12.87 26.95 -9.17
C TYR C 197 12.25 26.15 -8.02
N GLU C 198 11.33 26.78 -7.28
CA GLU C 198 10.68 26.12 -6.16
C GLU C 198 9.66 25.09 -6.64
N MET C 199 9.90 23.84 -6.27
CA MET C 199 9.05 22.72 -6.63
C MET C 199 8.14 22.27 -5.47
N ARG C 200 6.91 21.89 -5.78
CA ARG C 200 5.98 21.41 -4.75
C ARG C 200 6.69 20.32 -3.92
N ALA C 201 6.61 20.42 -2.61
CA ALA C 201 7.25 19.43 -1.74
C ALA C 201 6.71 18.05 -2.08
N GLU C 202 5.48 18.01 -2.56
CA GLU C 202 4.82 16.76 -2.92
C GLU C 202 5.62 16.01 -3.98
N HIS C 203 6.38 16.76 -4.80
CA HIS C 203 7.17 16.14 -5.87
C HIS C 203 8.64 16.09 -5.55
N SER C 204 9.02 16.65 -4.40
CA SER C 204 10.42 16.69 -4.05
C SER C 204 10.82 15.74 -2.93
N VAL C 205 10.73 14.44 -3.16
CA VAL C 205 11.14 13.49 -2.15
C VAL C 205 12.03 12.40 -2.76
N ASP C 206 13.34 12.68 -2.80
CA ASP C 206 14.34 11.77 -3.34
C ASP C 206 14.17 10.36 -2.80
N ILE C 207 14.44 9.36 -3.65
CA ILE C 207 14.31 7.97 -3.25
C ILE C 207 15.00 7.66 -1.93
N ASP C 208 16.19 8.21 -1.75
CA ASP C 208 16.95 7.98 -0.53
C ASP C 208 16.23 8.55 0.70
N VAL C 209 15.27 9.45 0.46
CA VAL C 209 14.50 10.07 1.54
C VAL C 209 13.47 9.12 2.14
N ASP C 210 12.70 8.45 1.28
CA ASP C 210 11.70 7.49 1.74
C ASP C 210 12.37 6.24 2.29
N ILE C 211 13.60 5.99 1.82
CA ILE C 211 14.39 4.84 2.26
C ILE C 211 13.80 3.51 1.80
N ASP C 212 12.47 3.41 1.88
CA ASP C 212 11.74 2.21 1.50
C ASP C 212 11.16 2.30 0.09
N TRP C 213 11.72 1.50 -0.81
CA TRP C 213 11.26 1.47 -2.18
C TRP C 213 9.73 1.44 -2.24
N PRO C 214 9.09 0.50 -1.53
CA PRO C 214 7.62 0.45 -1.55
C PRO C 214 6.99 1.79 -1.26
N ILE C 215 7.54 2.53 -0.31
CA ILE C 215 6.98 3.82 0.03
C ILE C 215 7.20 4.78 -1.12
N ALA C 216 8.34 4.65 -1.78
CA ALA C 216 8.62 5.49 -2.93
C ALA C 216 7.52 5.15 -3.94
N GLU C 217 7.30 3.85 -4.16
CA GLU C 217 6.29 3.36 -5.09
C GLU C 217 4.91 3.96 -4.86
N GLN C 218 4.52 4.04 -3.60
CA GLN C 218 3.24 4.59 -3.19
C GLN C 218 3.16 6.07 -3.55
N ARG C 219 4.28 6.75 -3.40
CA ARG C 219 4.30 8.18 -3.68
C ARG C 219 4.16 8.48 -5.15
N VAL C 220 4.89 7.77 -6.00
CA VAL C 220 4.80 8.04 -7.43
C VAL C 220 3.38 7.81 -7.88
N LEU C 221 2.77 6.73 -7.39
CA LEU C 221 1.41 6.47 -7.78
C LEU C 221 0.56 7.69 -7.37
N ARG C 222 0.82 8.22 -6.18
CA ARG C 222 0.09 9.38 -5.70
C ARG C 222 0.44 10.73 -6.33
N PHE C 223 1.74 11.04 -6.49
CA PHE C 223 2.14 12.33 -7.04
C PHE C 223 2.97 12.27 -8.31
N GLY C 224 2.99 11.10 -8.93
CA GLY C 224 3.74 10.93 -10.17
C GLY C 224 3.06 11.53 -11.38
N TYR C 225 3.62 11.25 -12.55
CA TYR C 225 3.06 11.74 -13.80
C TYR C 225 2.88 10.59 -14.80
N PHE C 226 1.85 10.68 -15.64
CA PHE C 226 1.57 9.65 -16.62
C PHE C 226 1.25 10.35 -17.93
N GLY C 227 0.18 11.14 -17.90
CA GLY C 227 -0.28 11.93 -19.04
C GLY C 227 0.10 11.48 -20.44
N LYS C 228 -0.87 10.91 -21.15
CA LYS C 228 -0.60 10.45 -22.51
C LYS C 228 -1.60 11.03 -23.50
N PRO D 1 14.38 9.98 43.13
CA PRO D 1 14.74 8.92 42.15
C PRO D 1 15.31 9.46 40.83
N PRO D 2 14.63 10.43 40.21
CA PRO D 2 13.43 11.14 40.66
C PRO D 2 12.17 10.60 39.96
N HIS D 3 11.26 11.51 39.61
CA HIS D 3 10.02 11.14 38.95
C HIS D 3 10.04 11.60 37.50
N LEU D 4 10.03 10.64 36.58
CA LEU D 4 10.05 10.93 35.15
C LEU D 4 8.62 10.87 34.62
N ALA D 5 8.17 11.96 33.99
CA ALA D 5 6.81 11.99 33.48
C ALA D 5 6.74 12.16 31.96
N ALA D 6 6.14 11.18 31.27
CA ALA D 6 6.01 11.28 29.82
C ALA D 6 4.76 12.12 29.57
N LEU D 7 4.92 13.23 28.85
CA LEU D 7 3.82 14.14 28.58
C LEU D 7 3.50 14.26 27.10
N VAL D 8 2.27 13.93 26.74
CA VAL D 8 1.85 14.05 25.35
C VAL D 8 0.69 15.03 25.25
N LEU D 9 0.94 16.15 24.59
CA LEU D 9 -0.08 17.17 24.41
C LEU D 9 -0.93 16.77 23.22
N ALA D 10 -2.22 16.55 23.45
CA ALA D 10 -3.12 16.15 22.38
C ALA D 10 -4.32 17.07 22.35
N ARG D 11 -4.28 18.04 21.45
CA ARG D 11 -5.35 19.00 21.34
C ARG D 11 -6.52 18.47 20.55
N GLY D 12 -7.67 19.10 20.74
CA GLY D 12 -8.89 18.70 20.04
C GLY D 12 -9.66 19.95 19.70
N GLY D 13 -9.25 20.60 18.61
CA GLY D 13 -9.91 21.81 18.17
C GLY D 13 -10.27 21.71 16.70
N SER D 14 -9.95 20.58 16.10
CA SER D 14 -10.25 20.35 14.69
C SER D 14 -9.56 21.39 13.80
N LYS D 15 -8.51 20.97 13.11
CA LYS D 15 -7.80 21.87 12.21
C LYS D 15 -8.15 21.48 10.78
N GLY D 16 -7.21 20.86 10.07
CA GLY D 16 -7.49 20.44 8.71
C GLY D 16 -8.42 19.24 8.71
N ILE D 17 -8.35 18.46 9.78
CA ILE D 17 -9.16 17.27 9.96
C ILE D 17 -9.48 17.16 11.45
N PRO D 18 -10.73 17.48 11.85
CA PRO D 18 -11.11 17.41 13.26
C PRO D 18 -10.63 16.13 13.93
N LEU D 19 -10.17 16.27 15.18
CA LEU D 19 -9.65 15.14 15.93
C LEU D 19 -8.66 14.33 15.10
N LYS D 20 -7.47 14.90 14.90
CA LYS D 20 -6.44 14.22 14.13
C LYS D 20 -5.59 13.34 15.06
N ASN D 21 -5.40 13.78 16.31
CA ASN D 21 -4.61 13.01 17.28
C ASN D 21 -5.24 11.67 17.66
N ILE D 22 -6.55 11.56 17.42
CA ILE D 22 -7.31 10.35 17.73
C ILE D 22 -7.62 9.60 16.42
N LYS D 23 -7.34 10.25 15.31
CA LYS D 23 -7.58 9.64 14.02
C LYS D 23 -6.75 8.36 13.90
N ARG D 24 -7.36 7.29 13.41
CA ARG D 24 -6.68 5.99 13.26
C ARG D 24 -5.52 5.95 12.24
N LEU D 25 -4.35 5.54 12.72
CA LEU D 25 -3.16 5.41 11.88
C LEU D 25 -2.73 3.95 11.94
N ALA D 26 -2.91 3.23 10.84
CA ALA D 26 -2.60 1.81 10.76
C ALA D 26 -3.47 1.11 11.77
N GLY D 27 -4.73 1.53 11.87
CA GLY D 27 -5.65 0.90 12.78
C GLY D 27 -5.64 1.31 14.24
N VAL D 28 -4.71 2.17 14.62
CA VAL D 28 -4.67 2.60 16.00
C VAL D 28 -4.58 4.10 16.08
N PRO D 29 -5.42 4.72 16.91
CA PRO D 29 -5.46 6.17 17.09
C PRO D 29 -4.06 6.71 17.36
N LEU D 30 -3.68 7.75 16.63
CA LEU D 30 -2.35 8.35 16.72
C LEU D 30 -1.67 8.32 18.08
N ILE D 31 -2.25 9.00 19.06
CA ILE D 31 -1.67 9.07 20.40
C ILE D 31 -1.25 7.72 20.94
N GLY D 32 -1.88 6.67 20.44
CA GLY D 32 -1.54 5.33 20.90
C GLY D 32 -0.12 4.92 20.58
N TRP D 33 0.33 5.25 19.38
CA TRP D 33 1.69 4.89 18.96
C TRP D 33 2.74 5.32 19.98
N VAL D 34 2.79 6.62 20.21
CA VAL D 34 3.74 7.21 21.14
C VAL D 34 3.56 6.75 22.58
N LEU D 35 2.31 6.68 23.02
CA LEU D 35 1.97 6.25 24.36
C LEU D 35 2.53 4.86 24.65
N ARG D 36 2.38 3.97 23.67
CA ARG D 36 2.83 2.58 23.81
C ARG D 36 4.35 2.51 23.98
N ALA D 37 5.07 3.26 23.16
CA ALA D 37 6.52 3.25 23.24
C ALA D 37 6.94 3.81 24.59
N ALA D 38 6.22 4.83 25.06
CA ALA D 38 6.53 5.45 26.35
C ALA D 38 6.41 4.44 27.49
N LEU D 39 5.22 3.85 27.62
CA LEU D 39 4.97 2.86 28.66
C LEU D 39 5.90 1.65 28.59
N ASP D 40 6.12 1.13 27.40
CA ASP D 40 6.98 -0.05 27.27
C ASP D 40 8.45 0.25 27.58
N ALA D 41 8.80 1.53 27.67
CA ALA D 41 10.18 1.90 27.96
C ALA D 41 10.50 1.61 29.41
N GLY D 42 9.46 1.70 30.25
CA GLY D 42 9.62 1.42 31.67
C GLY D 42 10.63 2.34 32.34
N VAL D 43 10.69 3.58 31.84
CA VAL D 43 11.64 4.54 32.38
C VAL D 43 10.95 5.78 32.96
N PHE D 44 9.63 5.87 32.81
CA PHE D 44 8.90 7.00 33.34
C PHE D 44 8.17 6.63 34.61
N GLN D 45 8.09 7.55 35.55
CA GLN D 45 7.35 7.29 36.78
C GLN D 45 5.88 7.61 36.53
N SER D 46 5.59 8.11 35.33
CA SER D 46 4.22 8.43 34.93
C SER D 46 4.14 8.82 33.46
N VAL D 47 3.08 8.34 32.80
CA VAL D 47 2.80 8.62 31.40
C VAL D 47 1.53 9.47 31.35
N TRP D 48 1.67 10.74 31.00
CA TRP D 48 0.52 11.62 30.94
C TRP D 48 0.15 12.07 29.54
N VAL D 49 -1.06 12.61 29.43
CA VAL D 49 -1.58 13.11 28.17
C VAL D 49 -2.46 14.33 28.45
N SER D 50 -2.05 15.48 27.95
CA SER D 50 -2.81 16.71 28.16
C SER D 50 -3.72 16.97 26.96
N THR D 51 -5.02 17.06 27.20
CA THR D 51 -5.98 17.29 26.12
C THR D 51 -7.14 18.19 26.55
N ASP D 52 -7.95 18.60 25.59
CA ASP D 52 -9.10 19.45 25.86
C ASP D 52 -10.38 18.80 25.31
N HIS D 53 -10.29 17.50 25.02
CA HIS D 53 -11.43 16.78 24.48
C HIS D 53 -11.71 15.49 25.23
N ASP D 54 -12.99 15.22 25.47
CA ASP D 54 -13.38 14.03 26.18
C ASP D 54 -13.04 12.79 25.36
N GLU D 55 -13.27 12.84 24.04
CA GLU D 55 -12.95 11.66 23.21
C GLU D 55 -11.44 11.45 23.09
N ILE D 56 -10.66 12.46 23.47
CA ILE D 56 -9.21 12.31 23.42
C ILE D 56 -8.71 11.79 24.78
N GLU D 57 -9.55 11.94 25.80
CA GLU D 57 -9.22 11.48 27.14
C GLU D 57 -9.48 9.98 27.27
N ASN D 58 -10.51 9.50 26.58
CA ASN D 58 -10.85 8.08 26.62
C ASN D 58 -9.74 7.25 26.00
N VAL D 59 -9.43 7.57 24.76
CA VAL D 59 -8.38 6.87 24.03
C VAL D 59 -7.14 6.78 24.91
N ALA D 60 -6.75 7.92 25.45
CA ALA D 60 -5.56 7.99 26.30
C ALA D 60 -5.65 6.96 27.41
N LYS D 61 -6.78 6.95 28.10
CA LYS D 61 -7.03 6.03 29.18
C LYS D 61 -6.97 4.57 28.71
N GLN D 62 -7.41 4.33 27.48
CA GLN D 62 -7.38 2.98 26.92
C GLN D 62 -5.95 2.51 26.75
N PHE D 63 -5.04 3.44 26.49
CA PHE D 63 -3.65 3.09 26.33
C PHE D 63 -2.89 3.12 27.64
N GLY D 64 -3.63 3.17 28.73
CA GLY D 64 -3.02 3.17 30.06
C GLY D 64 -2.19 4.40 30.35
N ALA D 65 -2.71 5.56 29.94
CA ALA D 65 -2.00 6.81 30.17
C ALA D 65 -2.90 7.71 31.01
N GLN D 66 -2.32 8.31 32.04
CA GLN D 66 -3.08 9.21 32.89
C GLN D 66 -3.45 10.41 32.03
N VAL D 67 -4.53 11.08 32.38
CA VAL D 67 -4.95 12.22 31.59
C VAL D 67 -5.17 13.49 32.43
N HIS D 68 -4.74 14.61 31.86
CA HIS D 68 -4.85 15.92 32.48
C HIS D 68 -5.73 16.77 31.58
N ARG D 69 -6.90 17.17 32.08
CA ARG D 69 -7.78 18.01 31.28
C ARG D 69 -7.16 19.39 31.22
N ARG D 70 -6.49 19.64 30.11
CA ARG D 70 -5.81 20.90 29.87
C ARG D 70 -6.67 22.09 30.24
N SER D 71 -6.00 23.23 30.39
CA SER D 71 -6.63 24.49 30.77
C SER D 71 -7.56 24.97 29.66
N SER D 72 -7.47 26.25 29.34
CA SER D 72 -8.30 26.85 28.30
C SER D 72 -7.52 27.95 27.59
N GLU D 73 -7.19 27.71 26.32
CA GLU D 73 -6.45 28.69 25.54
C GLU D 73 -6.78 28.56 24.06
N THR D 74 -7.02 27.33 23.62
CA THR D 74 -7.35 27.07 22.23
C THR D 74 -8.81 27.39 21.94
N SER D 75 -9.03 28.32 21.02
CA SER D 75 -10.38 28.73 20.66
C SER D 75 -10.48 28.96 19.16
N LYS D 76 -9.32 29.19 18.52
CA LYS D 76 -9.26 29.43 17.09
C LYS D 76 -7.83 29.25 16.59
N ASP D 77 -6.87 29.59 17.44
CA ASP D 77 -5.45 29.47 17.10
C ASP D 77 -4.73 28.57 18.10
N SER D 78 -3.42 28.44 17.92
CA SER D 78 -2.62 27.61 18.80
C SER D 78 -1.63 28.46 19.58
N SER D 79 -1.51 28.20 20.88
CA SER D 79 -0.60 28.95 21.74
C SER D 79 0.83 28.41 21.65
N THR D 80 1.24 27.60 22.64
CA THR D 80 2.58 27.04 22.64
C THR D 80 2.66 25.69 23.35
N SER D 81 3.57 24.85 22.89
CA SER D 81 3.77 23.53 23.47
C SER D 81 4.27 23.66 24.92
N LEU D 82 5.34 24.44 25.11
CA LEU D 82 5.90 24.66 26.43
C LEU D 82 4.84 25.32 27.31
N ASP D 83 3.97 26.08 26.66
CA ASP D 83 2.89 26.78 27.32
C ASP D 83 1.97 25.78 28.01
N ALA D 84 1.78 24.63 27.38
CA ALA D 84 0.92 23.58 27.93
C ALA D 84 1.67 22.71 28.92
N ILE D 85 2.99 22.68 28.79
CA ILE D 85 3.82 21.87 29.68
C ILE D 85 3.82 22.49 31.08
N VAL D 86 3.77 23.81 31.13
CA VAL D 86 3.76 24.53 32.40
C VAL D 86 2.35 24.49 32.99
N GLU D 87 1.34 24.55 32.11
CA GLU D 87 -0.05 24.49 32.55
C GLU D 87 -0.35 23.10 33.07
N PHE D 88 0.60 22.19 32.86
CA PHE D 88 0.47 20.82 33.34
C PHE D 88 1.22 20.74 34.67
N LEU D 89 2.46 21.21 34.66
CA LEU D 89 3.31 21.19 35.85
C LEU D 89 2.74 21.91 37.09
N ASN D 90 1.95 22.95 36.92
CA ASN D 90 1.42 23.64 38.08
C ASN D 90 0.37 22.80 38.81
N TYR D 91 -0.19 21.82 38.11
CA TYR D 91 -1.22 20.95 38.68
C TYR D 91 -0.59 19.66 39.20
N HIS D 92 0.67 19.43 38.86
CA HIS D 92 1.37 18.22 39.29
C HIS D 92 2.74 18.58 39.82
N ASN D 93 2.81 18.76 41.12
CA ASN D 93 4.05 19.13 41.79
C ASN D 93 4.82 17.91 42.29
N GLU D 94 4.58 16.76 41.66
CA GLU D 94 5.28 15.55 42.07
C GLU D 94 6.26 15.09 41.00
N VAL D 95 5.96 15.47 39.75
CA VAL D 95 6.81 15.11 38.62
C VAL D 95 7.99 16.08 38.49
N ASP D 96 9.16 15.52 38.20
CA ASP D 96 10.40 16.31 38.06
C ASP D 96 10.84 16.45 36.60
N ILE D 97 11.38 15.38 36.04
CA ILE D 97 11.86 15.36 34.66
C ILE D 97 10.71 15.16 33.67
N VAL D 98 10.49 16.15 32.82
CA VAL D 98 9.39 16.09 31.83
C VAL D 98 9.83 15.64 30.44
N GLY D 99 9.28 14.53 29.97
CA GLY D 99 9.61 14.03 28.65
C GLY D 99 8.48 14.29 27.65
N ASN D 100 8.47 15.48 27.06
CA ASN D 100 7.44 15.89 26.11
C ASN D 100 7.58 15.18 24.76
N ILE D 101 6.59 14.34 24.47
CA ILE D 101 6.57 13.53 23.25
C ILE D 101 5.41 13.92 22.36
N GLN D 102 5.73 14.18 21.08
CA GLN D 102 4.72 14.57 20.11
C GLN D 102 4.15 13.35 19.38
N ALA D 103 2.82 13.29 19.34
CA ALA D 103 2.12 12.18 18.72
C ALA D 103 2.23 12.20 17.20
N THR D 104 2.77 13.28 16.65
CA THR D 104 2.92 13.39 15.21
C THR D 104 4.20 12.72 14.71
N SER D 105 4.81 11.94 15.58
CA SER D 105 6.03 11.22 15.26
C SER D 105 5.81 9.82 15.84
N PRO D 106 4.80 9.11 15.30
CA PRO D 106 4.41 7.76 15.72
C PRO D 106 5.44 6.66 15.61
N CYS D 107 6.58 6.93 14.96
CA CYS D 107 7.60 5.91 14.80
C CYS D 107 8.61 5.79 15.93
N LEU D 108 8.24 6.32 17.09
CA LEU D 108 9.10 6.28 18.29
C LEU D 108 9.23 4.86 18.87
N HIS D 109 10.41 4.54 19.38
CA HIS D 109 10.66 3.24 20.00
C HIS D 109 11.18 3.43 21.42
N PRO D 110 10.72 2.57 22.36
CA PRO D 110 11.16 2.69 23.75
C PRO D 110 12.67 2.74 23.96
N THR D 111 13.43 2.12 23.06
CA THR D 111 14.89 2.09 23.17
C THR D 111 15.51 3.48 23.21
N ASP D 112 15.02 4.38 22.36
CA ASP D 112 15.54 5.74 22.32
C ASP D 112 15.14 6.50 23.57
N LEU D 113 13.95 6.21 24.08
CA LEU D 113 13.45 6.87 25.29
C LEU D 113 14.28 6.48 26.50
N GLN D 114 14.75 5.24 26.50
CA GLN D 114 15.55 4.73 27.61
C GLN D 114 16.98 5.29 27.60
N LYS D 115 17.55 5.48 26.42
CA LYS D 115 18.91 6.01 26.32
C LYS D 115 18.93 7.48 26.67
N VAL D 116 17.82 8.16 26.41
CA VAL D 116 17.75 9.58 26.73
C VAL D 116 17.57 9.71 28.23
N ALA D 117 16.82 8.78 28.82
CA ALA D 117 16.60 8.78 30.26
C ALA D 117 17.94 8.57 30.93
N GLU D 118 18.78 7.74 30.31
CA GLU D 118 20.10 7.45 30.83
C GLU D 118 21.05 8.62 30.68
N MET D 119 20.90 9.38 29.60
CA MET D 119 21.74 10.55 29.36
C MET D 119 21.55 11.56 30.50
N ILE D 120 20.34 11.63 31.03
CA ILE D 120 20.00 12.55 32.11
C ILE D 120 20.39 12.03 33.50
N ARG D 121 20.26 10.72 33.70
CA ARG D 121 20.58 10.11 34.99
C ARG D 121 21.92 9.37 34.97
N GLU D 122 22.88 9.91 34.22
CA GLU D 122 24.22 9.31 34.15
C GLU D 122 25.20 10.34 33.63
N GLU D 123 24.68 11.38 32.98
CA GLU D 123 25.53 12.45 32.44
C GLU D 123 25.06 13.82 32.94
N GLY D 124 23.96 13.84 33.69
CA GLY D 124 23.43 15.07 34.25
C GLY D 124 23.02 16.16 33.29
N TYR D 125 22.13 15.83 32.35
CA TYR D 125 21.66 16.80 31.37
C TYR D 125 20.38 17.49 31.82
N ASP D 126 20.33 18.81 31.64
CA ASP D 126 19.17 19.58 32.02
C ASP D 126 18.05 19.47 30.98
N SER D 127 18.44 19.28 29.72
CA SER D 127 17.46 19.13 28.64
C SER D 127 18.05 18.36 27.45
N VAL D 128 17.29 17.39 26.95
CA VAL D 128 17.71 16.59 25.80
C VAL D 128 16.53 16.47 24.83
N PHE D 129 16.78 16.70 23.55
CA PHE D 129 15.73 16.62 22.54
C PHE D 129 16.18 15.85 21.31
N SER D 130 15.21 15.24 20.62
CA SER D 130 15.43 14.43 19.43
C SER D 130 15.89 15.22 18.21
N VAL D 131 16.92 14.71 17.54
CA VAL D 131 17.47 15.36 16.36
C VAL D 131 17.69 14.37 15.19
N VAL D 132 17.73 14.88 13.96
CA VAL D 132 17.93 14.07 12.76
C VAL D 132 18.96 14.65 11.81
N ARG D 133 19.79 13.79 11.24
CA ARG D 133 20.83 14.24 10.32
C ARG D 133 20.36 14.22 8.86
N ARG D 134 20.58 15.33 8.16
CA ARG D 134 20.19 15.45 6.76
C ARG D 134 21.32 16.08 5.95
N HIS D 135 21.47 15.63 4.71
CA HIS D 135 22.50 16.15 3.82
C HIS D 135 21.82 16.93 2.68
N GLN D 136 21.28 18.09 2.99
CA GLN D 136 20.64 18.92 1.98
C GLN D 136 21.28 20.30 1.88
N PHE D 137 21.61 20.69 0.65
CA PHE D 137 22.24 21.98 0.39
C PHE D 137 21.26 23.12 0.51
N ARG D 138 21.71 24.17 1.18
CA ARG D 138 20.91 25.35 1.42
C ARG D 138 21.37 26.51 0.53
N TRP D 139 20.41 27.22 -0.04
CA TRP D 139 20.67 28.37 -0.89
C TRP D 139 19.76 29.50 -0.40
N SER D 140 20.28 30.71 -0.28
CA SER D 140 19.47 31.80 0.21
C SER D 140 18.26 31.99 -0.70
N GLU D 141 17.14 32.38 -0.10
CA GLU D 141 15.90 32.64 -0.81
C GLU D 141 15.89 34.11 -1.25
N ILE D 142 15.05 34.44 -2.22
CA ILE D 142 15.00 35.80 -2.71
C ILE D 142 13.60 36.35 -2.90
N GLN D 143 13.47 37.67 -2.74
CA GLN D 143 12.19 38.33 -2.92
C GLN D 143 12.30 39.19 -4.17
N LYS D 144 11.21 39.83 -4.55
CA LYS D 144 11.17 40.69 -5.73
C LYS D 144 12.41 41.55 -5.89
N GLY D 145 12.99 41.96 -4.77
CA GLY D 145 14.16 42.83 -4.78
C GLY D 145 15.18 42.61 -5.88
N VAL D 146 15.92 43.65 -6.22
CA VAL D 146 16.95 43.58 -7.25
C VAL D 146 18.09 42.67 -6.79
N ARG D 147 18.18 42.47 -5.48
CA ARG D 147 19.19 41.61 -4.88
C ARG D 147 18.79 40.16 -5.23
N GLU D 148 18.45 39.95 -6.49
CA GLU D 148 18.02 38.66 -7.03
C GLU D 148 19.11 37.61 -7.16
N VAL D 149 20.07 37.60 -6.24
CA VAL D 149 21.12 36.58 -6.29
C VAL D 149 20.99 35.57 -5.16
N THR D 150 20.93 34.30 -5.55
CA THR D 150 20.82 33.23 -4.57
C THR D 150 22.24 32.88 -4.17
N GLU D 151 22.46 32.76 -2.87
CA GLU D 151 23.78 32.45 -2.38
C GLU D 151 23.72 31.13 -1.65
N PRO D 152 24.75 30.27 -1.81
CA PRO D 152 24.89 28.96 -1.19
C PRO D 152 25.21 29.09 0.29
N LEU D 153 24.25 28.77 1.14
CA LEU D 153 24.45 28.90 2.58
C LEU D 153 25.23 27.77 3.26
N ASN D 154 25.40 26.64 2.57
CA ASN D 154 26.12 25.49 3.14
C ASN D 154 26.89 24.63 2.13
N LEU D 155 27.54 25.26 1.15
CA LEU D 155 28.32 24.50 0.18
C LEU D 155 29.08 25.39 -0.77
N ASN D 156 29.98 24.78 -1.53
CA ASN D 156 30.75 25.50 -2.52
C ASN D 156 30.28 24.92 -3.85
N PRO D 157 29.49 25.70 -4.61
CA PRO D 157 28.93 25.33 -5.91
C PRO D 157 29.96 25.03 -7.00
N ALA D 158 31.22 24.91 -6.61
CA ALA D 158 32.28 24.59 -7.57
C ALA D 158 32.98 23.32 -7.12
N LYS D 159 32.45 22.76 -6.03
CA LYS D 159 32.99 21.53 -5.46
C LYS D 159 31.90 20.92 -4.58
N ARG D 160 30.81 20.48 -5.22
CA ARG D 160 29.66 19.87 -4.54
C ARG D 160 29.96 18.53 -3.88
N PRO D 161 29.97 18.50 -2.54
CA PRO D 161 30.25 17.25 -1.82
C PRO D 161 29.20 16.18 -2.08
N ARG D 162 29.42 15.02 -1.49
CA ARG D 162 28.49 13.91 -1.60
C ARG D 162 28.05 13.49 -0.22
N ARG D 163 27.22 12.46 -0.15
CA ARG D 163 26.73 11.96 1.13
C ARG D 163 27.89 11.44 1.97
N GLN D 164 28.95 11.02 1.28
CA GLN D 164 30.16 10.47 1.91
C GLN D 164 31.26 11.52 1.97
N ASP D 165 30.89 12.79 1.92
CA ASP D 165 31.87 13.86 1.95
C ASP D 165 31.63 14.89 3.02
N TRP D 166 30.46 14.87 3.64
CA TRP D 166 30.18 15.82 4.70
C TRP D 166 29.13 15.31 5.67
N ASP D 167 29.40 15.55 6.95
CA ASP D 167 28.52 15.14 8.04
C ASP D 167 27.05 15.50 7.81
N GLY D 168 26.82 16.58 7.08
CA GLY D 168 25.46 17.02 6.83
C GLY D 168 25.11 18.01 7.91
N GLU D 169 23.85 18.02 8.34
CA GLU D 169 23.43 18.94 9.37
C GLU D 169 22.38 18.27 10.25
N LEU D 170 22.20 18.78 11.47
CA LEU D 170 21.22 18.21 12.38
C LEU D 170 20.00 19.10 12.56
N TYR D 171 18.82 18.52 12.32
CA TYR D 171 17.57 19.25 12.47
C TYR D 171 16.74 18.54 13.53
N GLU D 172 15.96 19.30 14.30
CA GLU D 172 15.14 18.62 15.29
C GLU D 172 14.04 17.97 14.47
N ASN D 173 13.57 16.81 14.91
CA ASN D 173 12.54 16.08 14.16
C ASN D 173 11.14 16.14 14.77
N GLY D 174 11.04 16.76 15.94
CA GLY D 174 9.75 16.89 16.62
C GLY D 174 9.37 15.76 17.56
N SER D 175 10.08 14.63 17.48
CA SER D 175 9.81 13.47 18.31
C SER D 175 9.62 13.79 19.79
N PHE D 176 10.69 14.19 20.45
CA PHE D 176 10.59 14.47 21.87
C PHE D 176 11.47 15.57 22.42
N TYR D 177 11.07 16.10 23.57
CA TYR D 177 11.79 17.16 24.26
C TYR D 177 11.79 16.91 25.75
N PHE D 178 12.95 16.51 26.28
CA PHE D 178 13.09 16.28 27.72
C PHE D 178 13.66 17.54 28.34
N ALA D 179 13.09 17.96 29.45
CA ALA D 179 13.56 19.15 30.14
C ALA D 179 13.24 19.06 31.61
N LYS D 180 14.11 19.64 32.44
CA LYS D 180 13.88 19.63 33.88
C LYS D 180 12.96 20.79 34.26
N ARG D 181 12.24 20.61 35.36
CA ARG D 181 11.29 21.59 35.88
C ARG D 181 11.84 23.02 35.95
N HIS D 182 13.01 23.18 36.54
CA HIS D 182 13.62 24.51 36.65
C HIS D 182 13.80 25.20 35.29
N LEU D 183 14.00 24.40 34.24
CA LEU D 183 14.17 24.94 32.90
C LEU D 183 12.83 25.41 32.37
N ILE D 184 11.89 24.49 32.31
CA ILE D 184 10.53 24.76 31.84
C ILE D 184 9.96 25.92 32.62
N GLU D 185 10.22 25.91 33.92
CA GLU D 185 9.75 26.95 34.83
C GLU D 185 10.21 28.31 34.31
N MET D 186 11.51 28.47 34.14
CA MET D 186 12.09 29.73 33.66
C MET D 186 11.66 30.13 32.25
N GLY D 187 10.80 29.33 31.63
CA GLY D 187 10.33 29.65 30.28
C GLY D 187 11.08 29.01 29.14
N TYR D 188 12.07 28.19 29.46
CA TYR D 188 12.85 27.50 28.44
C TYR D 188 12.35 26.07 28.24
N LEU D 189 12.84 25.43 27.18
CA LEU D 189 12.45 24.07 26.86
C LEU D 189 13.74 23.31 26.55
N GLN D 190 14.74 24.05 26.13
CA GLN D 190 16.06 23.51 25.78
C GLN D 190 17.12 24.45 26.33
N GLY D 191 17.49 24.27 27.60
CA GLY D 191 18.50 25.13 28.19
C GLY D 191 19.46 24.36 29.07
N GLY D 192 20.26 25.09 29.84
CA GLY D 192 21.20 24.46 30.76
C GLY D 192 22.16 23.49 30.08
N LYS D 193 22.49 22.38 30.75
CA LYS D 193 23.37 21.41 30.13
C LYS D 193 22.56 20.73 29.03
N MET D 194 22.59 21.33 27.84
CA MET D 194 21.85 20.85 26.67
C MET D 194 22.55 19.78 25.84
N ALA D 195 21.72 18.88 25.32
CA ALA D 195 22.17 17.79 24.46
C ALA D 195 21.05 17.38 23.53
N TYR D 196 21.41 16.89 22.35
CA TYR D 196 20.44 16.42 21.38
C TYR D 196 20.60 14.91 21.29
N TYR D 197 19.64 14.25 20.66
CA TYR D 197 19.72 12.80 20.50
C TYR D 197 19.41 12.49 19.03
N GLU D 198 20.40 11.97 18.31
CA GLU D 198 20.18 11.66 16.92
C GLU D 198 19.36 10.38 16.78
N MET D 199 18.14 10.55 16.29
CA MET D 199 17.23 9.42 16.06
C MET D 199 17.43 9.01 14.60
N ARG D 200 17.22 7.73 14.29
CA ARG D 200 17.39 7.28 12.92
C ARG D 200 16.55 8.12 11.98
N ALA D 201 16.82 8.02 10.68
CA ALA D 201 16.09 8.77 9.67
C ALA D 201 14.69 8.19 9.55
N GLU D 202 14.56 6.91 9.88
CA GLU D 202 13.28 6.23 9.82
C GLU D 202 12.21 6.82 10.74
N HIS D 203 12.54 6.94 12.01
CA HIS D 203 11.61 7.43 13.02
C HIS D 203 11.37 8.93 13.06
N SER D 204 11.70 9.66 12.00
CA SER D 204 11.52 11.11 12.08
C SER D 204 10.67 11.79 11.02
N VAL D 205 9.98 11.02 10.19
CA VAL D 205 9.16 11.64 9.15
C VAL D 205 7.78 12.06 9.67
N ASP D 206 7.70 13.32 10.09
CA ASP D 206 6.48 13.89 10.63
C ASP D 206 5.34 13.74 9.64
N ILE D 207 4.16 13.43 10.18
CA ILE D 207 2.96 13.25 9.35
C ILE D 207 2.79 14.40 8.35
N ASP D 208 2.83 15.63 8.84
CA ASP D 208 2.66 16.82 8.00
C ASP D 208 3.72 16.87 6.90
N VAL D 209 4.76 16.06 7.04
CA VAL D 209 5.85 16.01 6.08
C VAL D 209 5.48 15.08 4.94
N ASP D 210 4.71 14.04 5.26
CA ASP D 210 4.27 13.06 4.27
C ASP D 210 3.02 13.50 3.52
N ILE D 211 2.28 14.45 4.08
CA ILE D 211 1.06 14.96 3.46
C ILE D 211 -0.05 13.89 3.47
N ASP D 212 0.08 12.92 2.57
CA ASP D 212 -0.89 11.82 2.44
C ASP D 212 -0.90 10.89 3.67
N TRP D 213 -2.07 10.75 4.28
CA TRP D 213 -2.22 9.90 5.44
C TRP D 213 -1.83 8.47 5.08
N PRO D 214 -2.44 7.92 4.03
CA PRO D 214 -2.14 6.56 3.57
C PRO D 214 -0.64 6.28 3.54
N ILE D 215 0.15 7.22 3.02
CA ILE D 215 1.59 7.05 2.96
C ILE D 215 2.15 7.01 4.39
N ALA D 216 1.61 7.86 5.26
CA ALA D 216 2.04 7.91 6.66
C ALA D 216 1.77 6.59 7.36
N GLU D 217 0.64 5.95 7.00
CA GLU D 217 0.27 4.67 7.59
C GLU D 217 1.20 3.55 7.14
N GLN D 218 1.56 3.54 5.86
CA GLN D 218 2.46 2.49 5.40
C GLN D 218 3.79 2.67 6.11
N ARG D 219 4.09 3.90 6.51
CA ARG D 219 5.34 4.21 7.23
C ARG D 219 5.42 3.50 8.59
N VAL D 220 4.50 3.82 9.52
CA VAL D 220 4.51 3.19 10.86
C VAL D 220 4.48 1.69 10.78
N LEU D 221 3.83 1.16 9.75
CA LEU D 221 3.77 -0.28 9.57
C LEU D 221 5.20 -0.74 9.31
N ARG D 222 5.91 0.02 8.49
CA ARG D 222 7.29 -0.31 8.16
C ARG D 222 8.28 -0.08 9.31
N PHE D 223 8.46 1.17 9.73
CA PHE D 223 9.42 1.50 10.79
C PHE D 223 8.81 1.95 12.13
N GLY D 224 7.82 1.21 12.62
CA GLY D 224 7.20 1.59 13.88
C GLY D 224 7.33 0.56 14.98
N TYR D 225 7.14 0.98 16.23
CA TYR D 225 7.20 0.07 17.37
C TYR D 225 5.80 -0.50 17.63
N PHE D 226 5.64 -1.81 17.44
CA PHE D 226 4.35 -2.45 17.63
C PHE D 226 4.06 -2.98 19.02
N GLY D 227 4.77 -2.48 20.03
CA GLY D 227 4.57 -2.94 21.39
C GLY D 227 5.19 -4.32 21.52
N LYS D 228 4.50 -5.22 22.18
CA LYS D 228 5.00 -6.58 22.31
C LYS D 228 3.86 -7.57 22.39
O3P NCC E . -17.84 -5.95 -15.54
P NCC E . -18.72 -6.60 -16.54
O2P NCC E . -18.93 -8.16 -16.17
O1P NCC E . -20.03 -5.89 -16.55
O5' NCC E . -18.10 -6.54 -18.00
C5' NCC E . -16.80 -7.06 -18.40
C4' NCC E . -16.10 -5.94 -19.22
O4' NCC E . -16.60 -6.03 -20.57
C1' NCC E . -17.15 -4.78 -21.00
N1 NCC E . -18.39 -4.90 -21.83
C6 NCC E . -19.21 -6.01 -21.73
C5 NCC E . -20.37 -6.13 -22.54
C4 NCC E . -20.65 -5.07 -23.46
N4 NCC E . -21.75 -5.12 -24.27
N3 NCC E . -19.81 -3.98 -23.50
C2 NCC E . -18.69 -3.88 -22.73
O2 NCC E . -17.97 -2.87 -22.83
C2' NCC E . -17.29 -3.88 -19.76
O2' NCC E . -16.87 -2.54 -20.02
C3' NCC E . -16.50 -4.57 -18.64
O3' NCC E . -15.31 -3.85 -18.36
C9 NCC E . -21.15 -8.56 -15.27
O1B NCC E . -20.95 -7.71 -14.41
O1A NCC E . -22.31 -9.23 -15.29
C10 NCC E . -20.16 -8.96 -16.34
O6 NCC E . -19.81 -10.36 -16.14
C12 NCC E . -18.88 -10.86 -17.15
C13 NCC E . -18.56 -12.33 -16.82
O7 NCC E . -19.78 -13.00 -16.49
C14 NCC E . -17.59 -12.39 -15.63
O8 NCC E . -16.37 -11.72 -15.97
C15 NCC E . -17.27 -13.83 -15.25
O9 NCC E . -17.80 -14.09 -13.94
C16 NCC E . -19.48 -10.70 -18.61
N5 NCC E . -18.54 -11.17 -19.62
C17 NCC E . -19.05 -12.21 -20.48
O10 NCC E . -20.19 -12.68 -20.38
C18 NCC E . -18.14 -12.74 -21.54
C19 NCC E . -19.82 -9.20 -18.87
O4 NCC E . -20.40 -9.02 -20.17
C20 NCC E . -20.82 -8.76 -17.76
O3P NCC F . 22.04 9.67 -5.22
P NCC F . 23.11 10.46 -5.88
O2P NCC F . 23.06 11.98 -5.31
O1P NCC F . 24.42 9.80 -5.58
O5' NCC F . 22.91 10.53 -7.46
C5' NCC F . 21.75 11.10 -8.10
C4' NCC F . 21.49 10.39 -9.46
O4' NCC F . 22.61 10.67 -10.35
C1' NCC F . 23.06 9.47 -11.01
N1 NCC F . 24.55 9.38 -11.05
C6 NCC F . 25.29 9.95 -10.02
C5 NCC F . 26.69 9.89 -10.02
C4 NCC F . 27.32 9.27 -11.11
N4 NCC F . 28.66 9.21 -11.17
N3 NCC F . 26.56 8.71 -12.13
C2 NCC F . 25.20 8.78 -12.12
O2 NCC F . 24.58 8.26 -13.05
C2' NCC F . 22.40 8.28 -10.29
O2' NCC F . 21.80 7.40 -11.25
C3' NCC F . 21.38 8.88 -9.30
O3' NCC F . 20.03 8.50 -9.65
C9 NCC F . 24.72 12.16 -3.52
O1B NCC F . 24.24 11.16 -3.02
O1A NCC F . 25.74 12.81 -2.96
C10 NCC F . 24.18 12.78 -4.81
O6 NCC F . 23.71 14.13 -4.53
C12 NCC F . 23.18 14.81 -5.71
C13 NCC F . 22.66 16.23 -5.29
O7 NCC F . 23.67 16.92 -4.54
C14 NCC F . 21.37 16.11 -4.44
O8 NCC F . 20.34 15.42 -5.16
C15 NCC F . 20.84 17.50 -4.02
O9 NCC F . 20.69 17.55 -2.60
C16 NCC F . 24.29 14.92 -6.82
N5 NCC F . 23.79 15.58 -8.01
C17 NCC F . 24.60 16.74 -8.42
O10 NCC F . 25.60 17.13 -7.81
C18 NCC F . 24.15 17.49 -9.64
C19 NCC F . 24.79 13.51 -7.17
O4 NCC F . 25.80 13.58 -8.17
C20 NCC F . 25.33 12.85 -5.88
O3P NCC G . 1.79 19.84 13.99
P NCC G . 2.06 20.84 15.05
O2P NCC G . 3.61 21.30 14.97
O1P NCC G . 1.14 22.00 14.85
O5' NCC G . 1.79 20.23 16.51
C5' NCC G . 2.47 19.10 17.07
C4' NCC G . 1.69 18.51 18.27
O4' NCC G . 1.33 19.59 19.16
C1' NCC G . -0.01 19.40 19.64
N1 NCC G . -0.74 20.70 19.74
C6 NCC G . -0.86 21.50 18.63
C5 NCC G . -1.54 22.74 18.67
C4 NCC G . -2.08 23.14 19.92
N4 NCC G . -2.74 24.31 20.03
N3 NCC G . -1.94 22.32 21.02
C2 NCC G . -1.27 21.14 20.96
O2 NCC G . -1.18 20.44 21.98
C2' NCC G . -0.72 18.40 18.70
O2' NCC G . -1.44 17.41 19.44
C3' NCC G . 0.40 17.81 17.81
O3' NCC G . 0.55 16.39 18.00
C9 NCC G . 3.73 23.50 13.91
O1B NCC G . 3.01 23.07 13.02
O1A NCC G . 4.17 24.75 13.88
C10 NCC G . 4.18 22.65 15.09
O6 NCC G . 5.64 22.56 15.09
C12 NCC G . 6.18 21.78 16.20
C13 NCC G . 7.73 21.70 16.13
O7 NCC G . 8.25 22.96 15.70
C14 NCC G . 8.20 20.57 15.16
O8 NCC G . 7.68 19.30 15.56
C15 NCC G . 9.74 20.51 15.12
O9 NCC G . 10.19 20.20 13.79
C16 NCC G . 5.75 22.41 17.58
N5 NCC G . 6.27 21.64 18.69
C17 NCC G . 6.99 22.46 19.66
O10 NCC G . 7.14 23.68 19.56
C18 NCC G . 7.58 21.76 20.85
C19 NCC G . 4.19 22.48 17.63
O4 NCC G . 3.77 23.07 18.87
C20 NCC G . 3.69 23.32 16.42
#